data_9G7K
#
_entry.id   9G7K
#
_cell.length_a   52.190
_cell.length_b   61.270
_cell.length_c   97.310
_cell.angle_alpha   89.850
_cell.angle_beta   83.890
_cell.angle_gamma   67.190
#
_symmetry.space_group_name_H-M   'P 1'
#
loop_
_entity.id
_entity.type
_entity.pdbx_description
1 polymer 'Endoribonuclease MazF'
2 polymer 'Nanobody 12'
3 non-polymer 'CHLORIDE ION'
4 non-polymer 'SULFATE ION'
5 water water
#
loop_
_entity_poly.entity_id
_entity_poly.type
_entity_poly.pdbx_seq_one_letter_code
_entity_poly.pdbx_strand_id
1 'polypeptide(L)'
;MGSSHHHHHHSQDPIRRGDVYLADLSPVQGSEQGGVRPVVIIQNDTGNKYSPTVIVAAITGRINKAKIPTHVEIEKKKYK
LDKDSVILLEQIRTLDKKRLKEKLTYLSDDKMKEVDNALMISLGLNAVAHQKN
;
A,B,E,F
2 'polypeptide(L)'
;QVQLQESGGGLVQPGGSLRLSCAASGFTFSSYAMSWVRQAPGKGLEWVSDINSGGGSTYYADSVKGRFTISRDNAKNTLY
LQMNSLKPEDTAVYYCAAKEGPYSGSYYYMPVFRDEYDYWGQGTQVTVSSHHHHHH
;
C,D,G,H
#
loop_
_chem_comp.id
_chem_comp.type
_chem_comp.name
_chem_comp.formula
CL non-polymer 'CHLORIDE ION' 'Cl -1'
SO4 non-polymer 'SULFATE ION' 'O4 S -2'
#
# COMPACT_ATOMS: atom_id res chain seq x y z
N HIS A 10 -50.24 2.36 -19.45
CA HIS A 10 -50.49 1.46 -18.34
C HIS A 10 -49.31 0.54 -18.12
N SER A 11 -48.60 0.21 -19.19
CA SER A 11 -47.46 -0.67 -19.09
C SER A 11 -46.29 0.02 -18.41
N GLN A 12 -45.35 -0.78 -17.95
CA GLN A 12 -44.13 -0.27 -17.32
C GLN A 12 -43.05 -0.11 -18.39
N ASP A 13 -42.39 1.04 -18.37
CA ASP A 13 -41.27 1.25 -19.28
C ASP A 13 -40.14 0.29 -18.92
N PRO A 14 -39.48 -0.30 -19.93
CA PRO A 14 -38.47 -1.33 -19.63
C PRO A 14 -37.25 -0.76 -18.93
N ILE A 15 -36.57 -1.64 -18.20
CA ILE A 15 -35.32 -1.32 -17.52
C ILE A 15 -34.17 -1.83 -18.37
N ARG A 16 -33.23 -0.94 -18.68
CA ARG A 16 -32.11 -1.28 -19.55
C ARG A 16 -30.78 -1.02 -18.85
N ARG A 17 -29.81 -1.89 -19.11
CA ARG A 17 -28.46 -1.69 -18.62
C ARG A 17 -27.93 -0.33 -19.08
N GLY A 18 -27.39 0.44 -18.13
CA GLY A 18 -26.93 1.78 -18.40
C GLY A 18 -27.91 2.87 -18.04
N ASP A 19 -29.16 2.51 -17.72
CA ASP A 19 -30.11 3.48 -17.22
C ASP A 19 -29.69 3.99 -15.84
N VAL A 20 -30.11 5.20 -15.51
CA VAL A 20 -29.92 5.78 -14.19
C VAL A 20 -31.29 5.95 -13.56
N TYR A 21 -31.51 5.25 -12.44
CA TYR A 21 -32.76 5.30 -11.69
C TYR A 21 -32.53 5.92 -10.33
N LEU A 22 -33.53 6.64 -9.84
CA LEU A 22 -33.62 6.96 -8.43
C LEU A 22 -34.06 5.72 -7.68
N ALA A 23 -33.33 5.34 -6.64
CA ALA A 23 -33.60 4.08 -5.95
C ALA A 23 -33.39 4.26 -4.45
N ASP A 24 -34.21 3.54 -3.68
CA ASP A 24 -34.12 3.54 -2.22
C ASP A 24 -33.19 2.42 -1.78
N LEU A 25 -31.99 2.78 -1.32
CA LEU A 25 -31.02 1.81 -0.84
C LEU A 25 -31.06 1.61 0.67
N SER A 26 -31.87 2.39 1.38
CA SER A 26 -31.90 2.33 2.83
C SER A 26 -32.64 1.08 3.31
N PRO A 27 -32.27 0.53 4.48
CA PRO A 27 -31.16 0.98 5.34
C PRO A 27 -29.83 0.29 5.02
N VAL A 28 -28.73 0.90 5.49
CA VAL A 28 -27.39 0.38 5.26
C VAL A 28 -26.61 0.48 6.57
N GLN A 29 -25.40 -0.09 6.56
CA GLN A 29 -24.48 -0.01 7.69
C GLN A 29 -23.12 0.46 7.22
N GLY A 30 -22.41 1.15 8.11
CA GLY A 30 -21.01 1.46 7.88
C GLY A 30 -20.79 2.30 6.63
N SER A 31 -19.81 1.90 5.83
CA SER A 31 -19.41 2.65 4.65
C SER A 31 -20.25 2.35 3.42
N GLU A 32 -21.30 1.56 3.57
CA GLU A 32 -22.18 1.27 2.43
C GLU A 32 -22.97 2.51 2.06
N GLN A 33 -23.19 2.69 0.75
CA GLN A 33 -24.00 3.81 0.28
C GLN A 33 -25.46 3.57 0.61
N GLY A 34 -26.11 4.60 1.14
CA GLY A 34 -27.50 4.47 1.55
C GLY A 34 -28.40 5.59 1.08
N GLY A 35 -29.56 5.74 1.74
CA GLY A 35 -30.51 6.77 1.37
C GLY A 35 -31.16 6.49 0.01
N VAL A 36 -31.80 7.52 -0.50
CA VAL A 36 -32.48 7.49 -1.79
C VAL A 36 -31.64 8.30 -2.77
N ARG A 37 -31.02 7.63 -3.73
CA ARG A 37 -29.98 8.24 -4.55
C ARG A 37 -30.04 7.66 -5.95
N PRO A 38 -29.48 8.34 -6.94
CA PRO A 38 -29.39 7.76 -8.29
C PRO A 38 -28.44 6.58 -8.31
N VAL A 39 -28.80 5.56 -9.11
CA VAL A 39 -27.99 4.36 -9.27
C VAL A 39 -27.99 3.97 -10.75
N VAL A 40 -26.94 3.27 -11.16
CA VAL A 40 -26.76 2.85 -12.55
C VAL A 40 -27.10 1.37 -12.65
N ILE A 41 -27.98 1.03 -13.60
CA ILE A 41 -28.31 -0.37 -13.86
C ILE A 41 -27.12 -1.02 -14.56
N ILE A 42 -26.60 -2.09 -13.98
CA ILE A 42 -25.46 -2.80 -14.54
C ILE A 42 -25.75 -4.26 -14.84
N GLN A 43 -26.90 -4.78 -14.43
CA GLN A 43 -27.28 -6.14 -14.78
C GLN A 43 -27.62 -6.24 -16.26
N ASN A 44 -27.37 -7.42 -16.84
CA ASN A 44 -27.72 -7.69 -18.22
C ASN A 44 -29.21 -7.44 -18.46
N ASP A 45 -29.56 -7.20 -19.73
CA ASP A 45 -30.92 -6.77 -20.03
C ASP A 45 -31.93 -7.91 -19.94
N THR A 46 -31.49 -9.15 -20.14
CA THR A 46 -32.40 -10.29 -19.96
C THR A 46 -32.89 -10.34 -18.52
N GLY A 47 -31.97 -10.18 -17.56
CA GLY A 47 -32.39 -10.10 -16.16
C GLY A 47 -33.24 -8.87 -15.90
N ASN A 48 -32.89 -7.74 -16.52
CA ASN A 48 -33.63 -6.51 -16.28
C ASN A 48 -35.07 -6.61 -16.78
N LYS A 49 -35.33 -7.49 -17.76
CA LYS A 49 -36.67 -7.57 -18.32
C LYS A 49 -37.57 -8.54 -17.54
N TYR A 50 -36.99 -9.63 -17.03
CA TYR A 50 -37.78 -10.72 -16.46
C TYR A 50 -37.52 -10.99 -14.97
N SER A 51 -36.39 -10.55 -14.43
CA SER A 51 -36.10 -10.93 -13.05
C SER A 51 -36.76 -9.99 -12.05
N PRO A 52 -37.07 -10.45 -10.84
CA PRO A 52 -37.60 -9.54 -9.82
C PRO A 52 -36.56 -8.59 -9.24
N THR A 53 -35.28 -8.77 -9.56
CA THR A 53 -34.21 -7.92 -9.04
C THR A 53 -33.39 -7.34 -10.18
N VAL A 54 -32.76 -6.19 -9.89
CA VAL A 54 -31.76 -5.59 -10.75
C VAL A 54 -30.48 -5.47 -9.95
N ILE A 55 -29.37 -5.31 -10.66
CA ILE A 55 -28.06 -5.06 -10.05
C ILE A 55 -27.66 -3.64 -10.43
N VAL A 56 -27.27 -2.85 -9.42
CA VAL A 56 -27.02 -1.43 -9.60
C VAL A 56 -25.68 -1.06 -9.00
N ALA A 57 -25.14 0.06 -9.47
CA ALA A 57 -23.97 0.71 -8.89
C ALA A 57 -24.36 2.10 -8.41
N ALA A 58 -23.92 2.46 -7.22
CA ALA A 58 -24.36 3.71 -6.62
C ALA A 58 -23.62 4.90 -7.23
N ILE A 59 -24.29 6.05 -7.23
CA ILE A 59 -23.71 7.32 -7.63
C ILE A 59 -23.63 8.20 -6.38
N THR A 60 -22.49 8.84 -6.18
CA THR A 60 -22.28 9.68 -5.01
C THR A 60 -21.93 11.11 -5.42
N GLY A 61 -22.28 12.06 -4.56
CA GLY A 61 -21.95 13.44 -4.77
C GLY A 61 -20.91 13.95 -3.79
N ARG A 62 -20.47 13.07 -2.88
CA ARG A 62 -19.47 13.48 -1.90
C ARG A 62 -18.08 13.63 -2.51
N ILE A 63 -17.89 13.14 -3.74
CA ILE A 63 -16.71 13.42 -4.54
C ILE A 63 -17.17 13.72 -5.96
N ASN A 64 -16.39 14.51 -6.68
CA ASN A 64 -16.67 14.81 -8.08
C ASN A 64 -15.54 14.42 -9.02
N LYS A 65 -14.47 13.81 -8.50
CA LYS A 65 -13.37 13.32 -9.32
C LYS A 65 -13.07 11.88 -8.92
N ALA A 66 -12.70 11.06 -9.90
CA ALA A 66 -12.42 9.66 -9.64
C ALA A 66 -11.24 9.50 -8.70
N LYS A 67 -11.47 8.86 -7.56
CA LYS A 67 -10.39 8.60 -6.60
C LYS A 67 -9.56 7.39 -7.00
N ILE A 68 -10.16 6.42 -7.68
CA ILE A 68 -9.53 5.14 -8.01
C ILE A 68 -10.05 4.70 -9.38
N PRO A 69 -9.46 3.69 -10.02
CA PRO A 69 -9.96 3.26 -11.33
C PRO A 69 -11.26 2.48 -11.29
N THR A 70 -11.91 2.33 -10.14
CA THR A 70 -13.27 1.80 -10.08
C THR A 70 -14.29 2.93 -9.97
N HIS A 71 -13.85 4.17 -10.10
CA HIS A 71 -14.73 5.34 -10.09
C HIS A 71 -14.87 5.88 -11.51
N VAL A 72 -16.07 6.35 -11.85
CA VAL A 72 -16.33 6.95 -13.15
C VAL A 72 -17.09 8.25 -12.92
N GLU A 73 -16.54 9.35 -13.44
CA GLU A 73 -17.17 10.65 -13.28
C GLU A 73 -18.34 10.79 -14.25
N ILE A 74 -19.32 11.61 -13.85
CA ILE A 74 -20.44 11.98 -14.70
C ILE A 74 -20.82 13.43 -14.40
N GLU A 75 -20.87 14.25 -15.44
CA GLU A 75 -21.22 15.65 -15.27
C GLU A 75 -22.71 15.80 -14.98
N LYS A 76 -23.06 16.84 -14.23
CA LYS A 76 -24.45 17.02 -13.82
C LYS A 76 -25.32 17.50 -14.98
N LYS A 77 -24.77 18.32 -15.86
CA LYS A 77 -25.58 18.93 -16.93
C LYS A 77 -26.11 17.86 -17.88
N LYS A 78 -25.20 17.05 -18.44
CA LYS A 78 -25.60 16.05 -19.42
C LYS A 78 -26.58 15.03 -18.81
N TYR A 79 -26.34 14.61 -17.57
CA TYR A 79 -27.07 13.51 -16.96
C TYR A 79 -28.05 13.98 -15.89
N LYS A 80 -28.38 15.26 -15.85
CA LYS A 80 -29.50 15.79 -15.06
C LYS A 80 -29.32 15.53 -13.56
N LEU A 81 -28.10 15.71 -13.08
CA LEU A 81 -27.78 15.50 -11.68
C LEU A 81 -27.83 16.83 -10.91
N ASP A 82 -27.86 16.72 -9.59
CA ASP A 82 -27.78 17.92 -8.76
C ASP A 82 -26.39 18.55 -8.82
N LYS A 83 -25.35 17.73 -8.93
CA LYS A 83 -23.99 18.24 -9.07
C LYS A 83 -23.14 17.16 -9.71
N ASP A 84 -21.93 17.57 -10.12
CA ASP A 84 -20.96 16.61 -10.65
C ASP A 84 -20.73 15.50 -9.64
N SER A 85 -20.88 14.26 -10.10
CA SER A 85 -20.94 13.10 -9.22
C SER A 85 -19.98 12.04 -9.74
N VAL A 86 -19.95 10.90 -9.03
CA VAL A 86 -19.06 9.80 -9.36
C VAL A 86 -19.84 8.49 -9.23
N ILE A 87 -19.72 7.63 -10.24
CA ILE A 87 -20.24 6.28 -10.16
C ILE A 87 -19.22 5.42 -9.43
N LEU A 88 -19.68 4.71 -8.39
CA LEU A 88 -18.80 3.88 -7.57
C LEU A 88 -19.03 2.43 -7.98
N LEU A 89 -18.10 1.88 -8.77
CA LEU A 89 -18.20 0.48 -9.16
C LEU A 89 -17.70 -0.48 -8.09
N GLU A 90 -17.26 0.03 -6.95
CA GLU A 90 -17.03 -0.81 -5.78
C GLU A 90 -18.22 -0.83 -4.84
N GLN A 91 -19.27 -0.08 -5.14
CA GLN A 91 -20.51 -0.01 -4.35
C GLN A 91 -21.65 -0.52 -5.23
N ILE A 92 -21.73 -1.83 -5.39
CA ILE A 92 -22.76 -2.44 -6.22
C ILE A 92 -23.64 -3.32 -5.35
N ARG A 93 -24.92 -3.43 -5.71
CA ARG A 93 -25.84 -4.25 -4.94
CA ARG A 93 -25.90 -4.16 -4.92
C ARG A 93 -27.02 -4.68 -5.80
N THR A 94 -27.60 -5.81 -5.41
CA THR A 94 -28.78 -6.36 -6.06
C THR A 94 -30.01 -5.85 -5.32
N LEU A 95 -30.91 -5.21 -6.06
CA LEU A 95 -32.10 -4.59 -5.48
C LEU A 95 -33.36 -5.22 -6.07
N ASP A 96 -34.33 -5.48 -5.20
CA ASP A 96 -35.66 -5.78 -5.69
C ASP A 96 -36.23 -4.55 -6.39
N LYS A 97 -36.91 -4.78 -7.52
CA LYS A 97 -37.38 -3.67 -8.34
C LYS A 97 -38.34 -2.74 -7.60
N LYS A 98 -38.89 -3.19 -6.46
CA LYS A 98 -39.74 -2.31 -5.66
C LYS A 98 -38.97 -1.11 -5.13
N ARG A 99 -37.64 -1.17 -5.09
CA ARG A 99 -36.82 -0.05 -4.66
C ARG A 99 -36.63 1.01 -5.74
N LEU A 100 -36.90 0.69 -6.99
CA LEU A 100 -36.72 1.64 -8.08
C LEU A 100 -37.84 2.67 -8.05
N LYS A 101 -37.47 3.95 -7.96
CA LYS A 101 -38.42 5.04 -7.80
C LYS A 101 -38.81 5.69 -9.13
N GLU A 102 -37.82 6.01 -9.96
CA GLU A 102 -38.06 6.71 -11.22
C GLU A 102 -36.77 6.73 -12.03
N LYS A 103 -36.93 6.61 -13.35
CA LYS A 103 -35.79 6.72 -14.26
C LYS A 103 -35.38 8.18 -14.43
N LEU A 104 -34.11 8.47 -14.17
CA LEU A 104 -33.58 9.81 -14.32
C LEU A 104 -33.03 10.06 -15.71
N THR A 105 -32.17 9.16 -16.19
CA THR A 105 -31.54 9.30 -17.51
C THR A 105 -30.90 7.99 -17.90
N TYR A 106 -29.96 8.03 -18.84
CA TYR A 106 -29.16 6.87 -19.19
C TYR A 106 -27.80 7.34 -19.67
N LEU A 107 -26.81 6.48 -19.54
CA LEU A 107 -25.44 6.83 -19.87
C LEU A 107 -25.17 6.64 -21.36
N SER A 108 -24.23 7.44 -21.87
CA SER A 108 -23.81 7.31 -23.26
C SER A 108 -23.03 6.01 -23.44
N ASP A 109 -22.85 5.62 -24.70
CA ASP A 109 -22.09 4.41 -25.00
C ASP A 109 -20.65 4.54 -24.51
N ASP A 110 -20.06 5.72 -24.66
CA ASP A 110 -18.70 5.94 -24.16
C ASP A 110 -18.65 5.80 -22.64
N LYS A 111 -19.62 6.40 -21.95
CA LYS A 111 -19.62 6.34 -20.49
C LYS A 111 -19.82 4.92 -19.99
N MET A 112 -20.69 4.14 -20.65
CA MET A 112 -20.86 2.75 -20.26
C MET A 112 -19.62 1.91 -20.52
N LYS A 113 -18.82 2.28 -21.52
CA LYS A 113 -17.54 1.63 -21.72
C LYS A 113 -16.64 1.81 -20.49
N GLU A 114 -16.60 3.02 -19.94
CA GLU A 114 -15.85 3.25 -18.71
C GLU A 114 -16.43 2.45 -17.55
N VAL A 115 -17.77 2.38 -17.46
CA VAL A 115 -18.41 1.58 -16.42
C VAL A 115 -18.02 0.12 -16.54
N ASP A 116 -18.03 -0.40 -17.78
CA ASP A 116 -17.63 -1.79 -18.00
C ASP A 116 -16.20 -2.02 -17.53
N ASN A 117 -15.28 -1.14 -17.93
CA ASN A 117 -13.88 -1.30 -17.53
C ASN A 117 -13.71 -1.22 -16.02
N ALA A 118 -14.39 -0.28 -15.38
CA ALA A 118 -14.26 -0.13 -13.93
C ALA A 118 -14.83 -1.34 -13.20
N LEU A 119 -15.91 -1.91 -13.72
CA LEU A 119 -16.49 -3.10 -13.13
C LEU A 119 -15.54 -4.29 -13.26
N MET A 120 -14.81 -4.37 -14.37
CA MET A 120 -13.86 -5.46 -14.58
C MET A 120 -12.74 -5.41 -13.54
N ILE A 121 -12.27 -4.21 -13.21
CA ILE A 121 -11.25 -4.07 -12.17
C ILE A 121 -11.85 -4.37 -10.80
N SER A 122 -13.02 -3.79 -10.52
CA SER A 122 -13.66 -3.95 -9.22
C SER A 122 -13.81 -5.42 -8.86
N LEU A 123 -14.30 -6.24 -9.79
CA LEU A 123 -14.57 -7.64 -9.53
C LEU A 123 -13.44 -8.56 -9.98
N GLY A 124 -12.27 -8.01 -10.29
CA GLY A 124 -11.10 -8.79 -10.64
C GLY A 124 -11.32 -9.72 -11.81
N LEU A 125 -11.89 -9.20 -12.89
CA LEU A 125 -12.29 -10.01 -14.04
C LEU A 125 -11.37 -9.84 -15.25
N ASN A 126 -10.35 -8.99 -15.16
CA ASN A 126 -9.49 -8.76 -16.31
C ASN A 126 -8.50 -9.91 -16.51
N ALA A 127 -7.90 -9.93 -17.70
CA ALA A 127 -7.03 -11.02 -18.12
C ALA A 127 -5.68 -11.00 -17.39
N VAL A 128 -4.86 -12.02 -17.67
CA VAL A 128 -3.54 -12.12 -17.05
N HIS B 10 -2.84 -11.05 16.72
CA HIS B 10 -3.28 -9.67 16.79
C HIS B 10 -3.61 -9.11 15.41
N SER B 11 -3.00 -9.70 14.38
CA SER B 11 -3.11 -9.17 13.03
C SER B 11 -4.42 -9.59 12.38
N GLN B 12 -4.76 -8.89 11.30
CA GLN B 12 -5.97 -9.21 10.54
C GLN B 12 -5.88 -10.60 9.95
N ASP B 13 -7.05 -11.20 9.73
CA ASP B 13 -7.14 -12.32 8.82
C ASP B 13 -7.32 -11.78 7.41
N PRO B 14 -6.39 -12.03 6.49
CA PRO B 14 -6.45 -11.37 5.18
C PRO B 14 -7.61 -11.89 4.33
N ILE B 15 -8.40 -10.97 3.81
CA ILE B 15 -9.56 -11.30 2.98
C ILE B 15 -9.10 -11.42 1.53
N ARG B 16 -9.26 -12.61 0.95
CA ARG B 16 -8.85 -12.87 -0.42
C ARG B 16 -10.08 -13.17 -1.28
N ARG B 17 -9.98 -12.80 -2.55
CA ARG B 17 -11.06 -13.09 -3.49
C ARG B 17 -11.27 -14.60 -3.58
N GLY B 18 -12.53 -15.01 -3.58
CA GLY B 18 -12.85 -16.42 -3.58
C GLY B 18 -13.01 -17.02 -2.20
N ASP B 19 -12.76 -16.26 -1.13
CA ASP B 19 -13.03 -16.74 0.21
C ASP B 19 -14.53 -16.75 0.47
N VAL B 20 -14.96 -17.66 1.34
CA VAL B 20 -16.36 -17.76 1.75
C VAL B 20 -16.45 -17.35 3.22
N TYR B 21 -17.26 -16.35 3.51
CA TYR B 21 -17.46 -15.86 4.87
C TYR B 21 -18.92 -15.98 5.27
N LEU B 22 -19.13 -16.10 6.58
CA LEU B 22 -20.46 -15.91 7.15
C LEU B 22 -20.69 -14.41 7.34
N ALA B 23 -21.80 -13.91 6.81
CA ALA B 23 -22.06 -12.48 6.81
C ALA B 23 -23.51 -12.20 7.18
N ASP B 24 -23.73 -11.06 7.82
CA ASP B 24 -25.07 -10.61 8.20
C ASP B 24 -25.58 -9.69 7.09
N LEU B 25 -26.45 -10.21 6.24
CA LEU B 25 -27.05 -9.43 5.16
C LEU B 25 -28.31 -8.69 5.58
N SER B 26 -28.81 -8.95 6.79
CA SER B 26 -30.07 -8.37 7.24
C SER B 26 -29.92 -6.87 7.46
N PRO B 27 -31.01 -6.10 7.24
CA PRO B 27 -32.27 -6.56 6.67
C PRO B 27 -32.33 -6.39 5.16
N VAL B 28 -33.28 -7.06 4.49
CA VAL B 28 -33.45 -6.96 3.05
C VAL B 28 -34.92 -6.71 2.74
N GLN B 29 -35.21 -6.51 1.45
CA GLN B 29 -36.55 -6.23 0.98
C GLN B 29 -36.84 -7.10 -0.25
N GLY B 30 -38.08 -7.59 -0.33
CA GLY B 30 -38.50 -8.31 -1.53
C GLY B 30 -37.70 -9.58 -1.75
N SER B 31 -37.24 -9.76 -2.99
CA SER B 31 -36.55 -10.96 -3.42
C SER B 31 -35.05 -10.90 -3.17
N GLU B 32 -34.57 -9.94 -2.37
CA GLU B 32 -33.16 -9.90 -2.02
C GLU B 32 -32.85 -10.99 -1.00
N GLN B 33 -31.65 -11.56 -1.12
CA GLN B 33 -31.21 -12.58 -0.17
C GLN B 33 -30.82 -11.92 1.15
N GLY B 34 -31.38 -12.42 2.25
CA GLY B 34 -31.10 -11.82 3.54
C GLY B 34 -30.61 -12.81 4.58
N GLY B 35 -30.72 -12.43 5.85
CA GLY B 35 -30.29 -13.28 6.94
C GLY B 35 -28.79 -13.35 7.10
N VAL B 36 -28.38 -14.28 7.96
CA VAL B 36 -26.96 -14.60 8.17
C VAL B 36 -26.66 -15.84 7.35
N ARG B 37 -25.79 -15.71 6.36
CA ARG B 37 -25.57 -16.79 5.41
C ARG B 37 -24.13 -16.71 4.89
N PRO B 38 -23.64 -17.79 4.30
CA PRO B 38 -22.33 -17.71 3.63
C PRO B 38 -22.39 -16.83 2.40
N VAL B 39 -21.28 -16.12 2.16
CA VAL B 39 -21.12 -15.32 0.96
C VAL B 39 -19.70 -15.51 0.46
N VAL B 40 -19.52 -15.39 -0.85
CA VAL B 40 -18.20 -15.51 -1.48
C VAL B 40 -17.71 -14.12 -1.84
N ILE B 41 -16.46 -13.81 -1.45
CA ILE B 41 -15.85 -12.55 -1.84
C ILE B 41 -15.56 -12.56 -3.34
N ILE B 42 -15.98 -11.52 -4.03
CA ILE B 42 -15.72 -11.39 -5.46
C ILE B 42 -14.97 -10.12 -5.81
N GLN B 43 -14.72 -9.23 -4.85
CA GLN B 43 -13.95 -8.02 -5.12
C GLN B 43 -12.48 -8.38 -5.29
N ASN B 44 -11.77 -7.54 -6.07
CA ASN B 44 -10.34 -7.74 -6.28
C ASN B 44 -9.58 -7.68 -4.95
N ASP B 45 -8.38 -8.28 -4.95
CA ASP B 45 -7.63 -8.46 -3.70
C ASP B 45 -7.13 -7.13 -3.14
N THR B 46 -6.81 -6.16 -3.99
CA THR B 46 -6.38 -4.85 -3.48
C THR B 46 -7.52 -4.16 -2.75
N GLY B 47 -8.70 -4.15 -3.36
CA GLY B 47 -9.86 -3.61 -2.66
C GLY B 47 -10.14 -4.36 -1.37
N ASN B 48 -9.91 -5.67 -1.36
CA ASN B 48 -10.16 -6.46 -0.15
C ASN B 48 -9.15 -6.15 0.94
N LYS B 49 -7.95 -5.68 0.57
CA LYS B 49 -6.90 -5.47 1.57
C LYS B 49 -7.02 -4.13 2.27
N TYR B 50 -7.54 -3.10 1.59
CA TYR B 50 -7.49 -1.74 2.11
C TYR B 50 -8.84 -1.05 2.21
N SER B 51 -9.84 -1.46 1.44
CA SER B 51 -11.12 -0.75 1.44
C SER B 51 -11.94 -1.11 2.69
N PRO B 52 -12.79 -0.18 3.15
CA PRO B 52 -13.72 -0.52 4.23
C PRO B 52 -14.85 -1.46 3.83
N THR B 53 -15.00 -1.77 2.54
CA THR B 53 -16.07 -2.64 2.09
C THR B 53 -15.51 -3.79 1.25
N VAL B 54 -16.32 -4.84 1.14
CA VAL B 54 -16.06 -5.96 0.24
C VAL B 54 -17.30 -6.19 -0.60
N ILE B 55 -17.12 -6.85 -1.74
CA ILE B 55 -18.20 -7.20 -2.64
C ILE B 55 -18.37 -8.71 -2.59
N VAL B 56 -19.59 -9.16 -2.29
CA VAL B 56 -19.86 -10.57 -2.09
C VAL B 56 -21.01 -11.01 -3.00
N ALA B 57 -21.12 -12.32 -3.17
CA ALA B 57 -22.25 -12.94 -3.82
C ALA B 57 -22.90 -13.92 -2.84
N ALA B 58 -24.22 -13.84 -2.70
CA ALA B 58 -24.93 -14.66 -1.73
C ALA B 58 -24.91 -16.13 -2.15
N ILE B 59 -24.91 -17.00 -1.14
CA ILE B 59 -25.01 -18.44 -1.32
C ILE B 59 -26.30 -18.90 -0.65
N THR B 60 -27.11 -19.65 -1.39
CA THR B 60 -28.38 -20.15 -0.86
C THR B 60 -28.42 -21.67 -0.94
N GLY B 61 -29.02 -22.28 0.08
CA GLY B 61 -29.29 -23.70 0.10
C GLY B 61 -30.74 -24.04 -0.17
N ARG B 62 -31.59 -23.05 -0.42
CA ARG B 62 -32.98 -23.28 -0.75
C ARG B 62 -33.18 -23.81 -2.17
N ILE B 63 -32.09 -23.98 -2.93
CA ILE B 63 -32.14 -24.56 -4.26
C ILE B 63 -30.89 -25.43 -4.44
N ASN B 64 -31.01 -26.42 -5.31
CA ASN B 64 -30.00 -27.47 -5.46
C ASN B 64 -29.25 -27.40 -6.77
N LYS B 65 -29.94 -27.23 -7.90
CA LYS B 65 -29.33 -27.24 -9.21
C LYS B 65 -29.06 -25.81 -9.69
N ALA B 66 -28.16 -25.71 -10.67
CA ALA B 66 -27.71 -24.40 -11.16
C ALA B 66 -28.70 -23.72 -12.08
N LYS B 67 -29.62 -24.47 -12.68
CA LYS B 67 -30.64 -23.99 -13.61
C LYS B 67 -30.15 -22.92 -14.59
N ILE B 68 -29.85 -21.71 -14.11
CA ILE B 68 -29.58 -20.57 -14.99
C ILE B 68 -28.09 -20.24 -14.99
N PRO B 69 -27.56 -19.66 -16.07
CA PRO B 69 -26.10 -19.51 -16.19
C PRO B 69 -25.46 -18.49 -15.25
N THR B 70 -26.24 -17.79 -14.42
CA THR B 70 -25.67 -16.93 -13.40
C THR B 70 -25.59 -17.62 -12.04
N HIS B 71 -25.88 -18.91 -11.99
CA HIS B 71 -25.81 -19.70 -10.77
C HIS B 71 -24.65 -20.68 -10.86
N VAL B 72 -24.00 -20.95 -9.73
CA VAL B 72 -22.87 -21.87 -9.66
C VAL B 72 -23.06 -22.77 -8.45
N GLU B 73 -23.04 -24.08 -8.67
CA GLU B 73 -23.25 -25.04 -7.59
C GLU B 73 -21.96 -25.27 -6.81
N ILE B 74 -22.11 -25.53 -5.51
CA ILE B 74 -20.99 -25.84 -4.64
C ILE B 74 -21.33 -27.07 -3.79
N GLU B 75 -20.38 -27.99 -3.69
CA GLU B 75 -20.58 -29.21 -2.94
C GLU B 75 -20.61 -28.92 -1.44
N LYS B 76 -21.41 -29.71 -0.72
CA LYS B 76 -21.52 -29.51 0.73
C LYS B 76 -20.28 -30.02 1.45
N LYS B 77 -19.73 -31.16 0.99
CA LYS B 77 -18.61 -31.77 1.71
C LYS B 77 -17.32 -30.98 1.51
N LYS B 78 -16.97 -30.70 0.25
CA LYS B 78 -15.69 -30.06 -0.04
C LYS B 78 -15.61 -28.67 0.57
N TYR B 79 -16.72 -27.94 0.64
CA TYR B 79 -16.73 -26.58 1.13
C TYR B 79 -17.43 -26.44 2.48
N LYS B 80 -17.77 -27.56 3.13
CA LYS B 80 -18.15 -27.59 4.54
C LYS B 80 -19.34 -26.69 4.86
N LEU B 81 -20.43 -26.87 4.10
CA LEU B 81 -21.66 -26.15 4.32
C LEU B 81 -22.73 -27.08 4.86
N ASP B 82 -23.89 -26.51 5.18
CA ASP B 82 -24.98 -27.31 5.72
C ASP B 82 -25.57 -28.25 4.68
N LYS B 83 -25.52 -27.87 3.40
CA LYS B 83 -26.09 -28.69 2.34
C LYS B 83 -25.53 -28.21 1.00
N ASP B 84 -25.77 -29.01 -0.03
CA ASP B 84 -25.44 -28.60 -1.39
C ASP B 84 -26.14 -27.28 -1.71
N SER B 85 -25.34 -26.27 -2.08
CA SER B 85 -25.83 -24.91 -2.22
C SER B 85 -25.46 -24.37 -3.58
N VAL B 86 -25.97 -23.17 -3.88
CA VAL B 86 -25.77 -22.52 -5.16
C VAL B 86 -25.31 -21.10 -4.91
N ILE B 87 -24.22 -20.70 -5.56
CA ILE B 87 -23.78 -19.32 -5.54
C ILE B 87 -24.65 -18.52 -6.52
N LEU B 88 -25.24 -17.43 -6.03
CA LEU B 88 -26.15 -16.60 -6.82
C LEU B 88 -25.38 -15.36 -7.28
N LEU B 89 -24.88 -15.40 -8.51
CA LEU B 89 -24.12 -14.26 -9.04
C LEU B 89 -25.02 -13.14 -9.56
N GLU B 90 -26.34 -13.27 -9.43
CA GLU B 90 -27.24 -12.15 -9.59
C GLU B 90 -27.65 -11.54 -8.25
N GLN B 91 -27.18 -12.11 -7.14
CA GLN B 91 -27.44 -11.59 -5.80
C GLN B 91 -26.09 -11.13 -5.24
N ILE B 92 -25.74 -9.87 -5.55
CA ILE B 92 -24.46 -9.28 -5.20
C ILE B 92 -24.73 -8.09 -4.29
N ARG B 93 -23.82 -7.83 -3.36
CA ARG B 93 -23.90 -6.59 -2.60
C ARG B 93 -22.54 -6.21 -2.03
N THR B 94 -22.37 -4.92 -1.82
CA THR B 94 -21.19 -4.35 -1.21
C THR B 94 -21.43 -4.26 0.30
N LEU B 95 -20.61 -4.97 1.08
CA LEU B 95 -20.78 -5.04 2.52
C LEU B 95 -19.64 -4.32 3.22
N ASP B 96 -19.97 -3.44 4.16
CA ASP B 96 -18.98 -3.00 5.12
C ASP B 96 -18.40 -4.20 5.83
N LYS B 97 -17.08 -4.21 6.02
CA LYS B 97 -16.41 -5.36 6.62
C LYS B 97 -16.93 -5.67 8.03
N LYS B 98 -17.62 -4.73 8.67
CA LYS B 98 -18.21 -5.01 9.98
C LYS B 98 -19.27 -6.11 9.92
N ARG B 99 -19.80 -6.40 8.73
CA ARG B 99 -20.79 -7.46 8.58
C ARG B 99 -20.17 -8.85 8.54
N LEU B 100 -18.87 -8.97 8.35
CA LEU B 100 -18.22 -10.26 8.25
C LEU B 100 -18.04 -10.87 9.63
N LYS B 101 -18.52 -12.10 9.80
CA LYS B 101 -18.47 -12.79 11.09
C LYS B 101 -17.30 -13.76 11.20
N GLU B 102 -17.14 -14.64 10.21
CA GLU B 102 -16.10 -15.66 10.26
C GLU B 102 -15.86 -16.20 8.87
N LYS B 103 -14.63 -16.66 8.63
CA LYS B 103 -14.27 -17.29 7.38
C LYS B 103 -14.63 -18.78 7.45
N LEU B 104 -15.37 -19.25 6.44
CA LEU B 104 -15.80 -20.65 6.41
C LEU B 104 -14.84 -21.52 5.60
N THR B 105 -14.49 -21.07 4.40
CA THR B 105 -13.62 -21.82 3.50
C THR B 105 -13.21 -20.92 2.34
N TYR B 106 -12.80 -21.52 1.23
CA TYR B 106 -12.47 -20.77 0.02
CA TYR B 106 -12.48 -20.76 0.02
C TYR B 106 -12.68 -21.66 -1.18
N LEU B 107 -13.00 -21.05 -2.31
CA LEU B 107 -13.33 -21.79 -3.53
C LEU B 107 -12.07 -22.16 -4.31
N SER B 108 -12.13 -23.31 -4.97
CA SER B 108 -11.02 -23.78 -5.79
C SER B 108 -10.85 -22.88 -7.01
N ASP B 109 -9.76 -23.12 -7.75
CA ASP B 109 -9.51 -22.36 -8.97
C ASP B 109 -10.58 -22.62 -10.01
N ASP B 110 -10.96 -23.89 -10.20
CA ASP B 110 -12.00 -24.22 -11.17
C ASP B 110 -13.34 -23.61 -10.77
N LYS B 111 -13.68 -23.67 -9.49
CA LYS B 111 -14.97 -23.13 -9.04
C LYS B 111 -15.02 -21.61 -9.18
N MET B 112 -13.89 -20.93 -8.98
CA MET B 112 -13.87 -19.48 -9.12
C MET B 112 -13.91 -19.06 -10.59
N LYS B 113 -13.41 -19.89 -11.50
CA LYS B 113 -13.58 -19.62 -12.92
C LYS B 113 -15.05 -19.67 -13.30
N GLU B 114 -15.82 -20.57 -12.70
CA GLU B 114 -17.26 -20.59 -12.91
C GLU B 114 -17.90 -19.33 -12.37
N VAL B 115 -17.45 -18.84 -11.21
CA VAL B 115 -17.96 -17.60 -10.65
C VAL B 115 -17.61 -16.43 -11.56
N ASP B 116 -16.42 -16.45 -12.15
CA ASP B 116 -16.02 -15.39 -13.07
C ASP B 116 -16.92 -15.35 -14.29
N ASN B 117 -17.14 -16.51 -14.92
CA ASN B 117 -17.99 -16.57 -16.10
C ASN B 117 -19.43 -16.17 -15.78
N ALA B 118 -19.91 -16.54 -14.58
CA ALA B 118 -21.27 -16.19 -14.20
C ALA B 118 -21.41 -14.68 -13.99
N LEU B 119 -20.36 -14.04 -13.48
CA LEU B 119 -20.39 -12.60 -13.30
C LEU B 119 -20.40 -11.86 -14.63
N MET B 120 -19.63 -12.35 -15.61
CA MET B 120 -19.62 -11.74 -16.93
C MET B 120 -21.02 -11.74 -17.54
N ILE B 121 -21.73 -12.86 -17.43
CA ILE B 121 -23.11 -12.93 -17.91
C ILE B 121 -24.01 -12.05 -17.06
N SER B 122 -23.93 -12.20 -15.73
CA SER B 122 -24.82 -11.47 -14.83
C SER B 122 -24.75 -9.97 -15.05
N LEU B 123 -23.56 -9.44 -15.31
CA LEU B 123 -23.37 -8.01 -15.47
C LEU B 123 -23.25 -7.59 -16.93
N GLY B 124 -23.58 -8.48 -17.88
CA GLY B 124 -23.50 -8.15 -19.29
C GLY B 124 -22.15 -7.62 -19.71
N LEU B 125 -21.09 -8.31 -19.31
CA LEU B 125 -19.72 -7.88 -19.59
C LEU B 125 -19.09 -8.64 -20.75
N ASN B 126 -19.68 -9.74 -21.18
CA ASN B 126 -19.13 -10.51 -22.30
C ASN B 126 -19.22 -9.69 -23.58
N ALA B 127 -18.07 -9.42 -24.19
CA ALA B 127 -18.04 -8.79 -25.51
C ALA B 127 -18.71 -9.70 -26.52
N VAL B 128 -19.82 -9.23 -27.10
CA VAL B 128 -20.68 -10.11 -27.89
C VAL B 128 -20.29 -10.18 -29.36
N ALA B 129 -19.83 -9.07 -29.94
CA ALA B 129 -19.47 -9.06 -31.35
C ALA B 129 -18.50 -7.92 -31.65
N GLN C 1 -19.87 11.17 21.50
CA GLN C 1 -20.51 10.32 22.50
C GLN C 1 -19.59 10.04 23.67
N VAL C 2 -20.18 9.84 24.85
CA VAL C 2 -19.41 9.53 26.04
C VAL C 2 -18.75 8.16 26.00
N GLN C 3 -19.06 7.35 24.98
CA GLN C 3 -18.37 6.07 24.82
C GLN C 3 -16.89 6.26 24.52
N LEU C 4 -16.52 7.40 23.95
CA LEU C 4 -15.14 7.66 23.51
C LEU C 4 -14.79 9.09 23.90
N GLN C 5 -13.84 9.23 24.83
CA GLN C 5 -13.38 10.53 25.30
C GLN C 5 -11.92 10.70 24.95
N GLU C 6 -11.61 11.72 24.15
CA GLU C 6 -10.25 11.99 23.74
C GLU C 6 -9.59 13.00 24.67
N SER C 7 -8.27 12.91 24.78
CA SER C 7 -7.49 13.87 25.54
C SER C 7 -6.10 13.95 24.90
N GLY C 8 -5.29 14.88 25.41
CA GLY C 8 -3.95 15.05 24.92
C GLY C 8 -3.76 16.10 23.84
N GLY C 9 -4.81 16.85 23.50
CA GLY C 9 -4.70 17.89 22.50
C GLY C 9 -4.03 19.14 23.05
N GLY C 10 -4.03 20.18 22.23
CA GLY C 10 -3.49 21.47 22.62
C GLY C 10 -2.63 22.07 21.52
N LEU C 11 -2.08 23.24 21.84
CA LEU C 11 -1.26 23.98 20.89
C LEU C 11 0.16 23.47 20.90
N VAL C 12 0.77 23.37 19.72
CA VAL C 12 2.12 22.88 19.54
C VAL C 12 2.72 23.57 18.32
N GLN C 13 4.03 23.44 18.16
CA GLN C 13 4.83 24.11 17.14
C GLN C 13 5.13 23.16 15.99
N PRO C 14 5.41 23.70 14.80
CA PRO C 14 5.81 22.84 13.67
C PRO C 14 7.03 22.01 14.02
N GLY C 15 7.03 20.76 13.56
CA GLY C 15 8.05 19.82 13.94
C GLY C 15 7.92 19.27 15.34
N GLY C 16 6.97 19.75 16.12
CA GLY C 16 6.75 19.23 17.45
C GLY C 16 6.05 17.88 17.44
N SER C 17 5.81 17.36 18.64
CA SER C 17 5.17 16.07 18.81
C SER C 17 4.01 16.20 19.78
N LEU C 18 3.13 15.21 19.75
CA LEU C 18 1.92 15.20 20.57
C LEU C 18 1.33 13.80 20.56
N ARG C 19 0.81 13.37 21.70
CA ARG C 19 0.22 12.04 21.86
C ARG C 19 -1.23 12.19 22.27
N LEU C 20 -2.14 11.81 21.38
CA LEU C 20 -3.56 11.79 21.70
C LEU C 20 -3.92 10.45 22.34
N SER C 21 -4.91 10.48 23.21
CA SER C 21 -5.44 9.27 23.82
C SER C 21 -6.95 9.33 23.78
N CYS C 22 -7.57 8.14 23.75
CA CYS C 22 -9.02 8.01 23.60
C CYS C 22 -9.50 6.87 24.48
N ALA C 23 -10.26 7.18 25.52
CA ALA C 23 -10.70 6.21 26.51
C ALA C 23 -12.08 5.69 26.15
N ALA C 24 -12.22 4.38 26.04
CA ALA C 24 -13.47 3.75 25.65
C ALA C 24 -14.19 3.20 26.87
N SER C 25 -15.51 3.31 26.87
CA SER C 25 -16.35 2.78 27.94
C SER C 25 -17.72 2.48 27.39
N GLY C 26 -18.34 1.43 27.92
CA GLY C 26 -19.71 1.10 27.56
C GLY C 26 -19.87 0.26 26.31
N PHE C 27 -18.79 -0.19 25.69
CA PHE C 27 -18.87 -1.16 24.62
C PHE C 27 -17.64 -2.05 24.68
N THR C 28 -17.66 -3.13 23.92
CA THR C 28 -16.61 -4.16 23.97
C THR C 28 -15.44 -3.70 23.12
N PHE C 29 -14.53 -2.94 23.75
CA PHE C 29 -13.45 -2.26 23.03
C PHE C 29 -12.62 -3.22 22.17
N SER C 30 -12.20 -4.35 22.75
CA SER C 30 -11.23 -5.22 22.09
C SER C 30 -11.80 -5.98 20.89
N SER C 31 -13.08 -5.82 20.55
CA SER C 31 -13.63 -6.41 19.34
C SER C 31 -14.01 -5.36 18.31
N TYR C 32 -13.60 -4.11 18.51
CA TYR C 32 -13.85 -3.03 17.57
C TYR C 32 -12.54 -2.56 16.96
N ALA C 33 -12.54 -2.37 15.64
CA ALA C 33 -11.51 -1.56 15.03
C ALA C 33 -11.72 -0.10 15.43
N MET C 34 -10.62 0.63 15.54
CA MET C 34 -10.68 2.02 15.97
C MET C 34 -10.12 2.92 14.87
N SER C 35 -10.70 4.11 14.75
CA SER C 35 -10.29 5.09 13.78
C SER C 35 -9.97 6.42 14.47
N TRP C 36 -8.98 7.12 13.94
CA TRP C 36 -8.82 8.54 14.18
C TRP C 36 -9.22 9.27 12.90
N VAL C 37 -10.16 10.20 13.01
CA VAL C 37 -10.52 11.09 11.91
C VAL C 37 -10.57 12.50 12.46
N ARG C 38 -10.18 13.46 11.64
CA ARG C 38 -10.02 14.84 12.07
C ARG C 38 -10.90 15.77 11.24
N GLN C 39 -11.26 16.90 11.84
CA GLN C 39 -12.01 17.96 11.16
C GLN C 39 -11.20 19.24 11.30
N ALA C 40 -10.53 19.64 10.21
CA ALA C 40 -9.80 20.90 10.21
C ALA C 40 -10.79 22.06 10.22
N PRO C 41 -10.37 23.23 10.72
CA PRO C 41 -11.27 24.39 10.72
C PRO C 41 -11.75 24.77 9.33
N GLY C 42 -13.03 24.53 9.05
CA GLY C 42 -13.63 24.86 7.77
C GLY C 42 -13.79 23.70 6.81
N LYS C 43 -13.20 22.54 7.11
CA LYS C 43 -13.22 21.39 6.22
C LYS C 43 -14.09 20.29 6.81
N GLY C 44 -14.25 19.22 6.04
CA GLY C 44 -15.02 18.06 6.46
C GLY C 44 -14.16 17.02 7.15
N LEU C 45 -14.79 15.89 7.44
CA LEU C 45 -14.12 14.80 8.16
C LEU C 45 -13.18 14.06 7.23
N GLU C 46 -11.89 14.06 7.57
CA GLU C 46 -10.86 13.32 6.83
C GLU C 46 -10.36 12.19 7.71
N TRP C 47 -10.42 10.97 7.19
CA TRP C 47 -9.90 9.83 7.93
C TRP C 47 -8.39 9.91 8.04
N VAL C 48 -7.88 9.62 9.24
CA VAL C 48 -6.45 9.71 9.52
C VAL C 48 -5.80 8.34 9.60
N SER C 49 -6.34 7.46 10.44
CA SER C 49 -5.63 6.22 10.74
C SER C 49 -6.62 5.19 11.28
N ASP C 50 -6.29 3.92 11.08
CA ASP C 50 -7.13 2.81 11.50
C ASP C 50 -6.27 1.73 12.13
N ILE C 51 -6.84 1.03 13.11
CA ILE C 51 -6.21 -0.12 13.73
C ILE C 51 -7.27 -1.19 13.96
N ASN C 52 -6.92 -2.44 13.67
CA ASN C 52 -7.87 -3.52 13.86
C ASN C 52 -8.04 -3.82 15.36
N SER C 53 -8.99 -4.71 15.66
CA SER C 53 -9.35 -4.95 17.06
C SER C 53 -8.18 -5.51 17.85
N GLY C 54 -7.40 -6.42 17.25
CA GLY C 54 -6.25 -6.98 17.94
C GLY C 54 -5.01 -6.11 17.92
N GLY C 55 -4.97 -5.06 17.09
CA GLY C 55 -3.86 -4.15 17.04
C GLY C 55 -2.73 -4.54 16.10
N GLY C 56 -2.83 -5.70 15.44
CA GLY C 56 -1.75 -6.14 14.58
C GLY C 56 -1.74 -5.56 13.18
N SER C 57 -2.76 -4.78 12.81
CA SER C 57 -2.84 -4.20 11.48
C SER C 57 -3.25 -2.76 11.58
N THR C 58 -2.47 -1.89 10.93
CA THR C 58 -2.67 -0.45 10.99
C THR C 58 -2.71 0.12 9.59
N TYR C 59 -3.45 1.22 9.44
CA TYR C 59 -3.65 1.88 8.16
C TYR C 59 -3.55 3.38 8.37
N TYR C 60 -2.98 4.09 7.39
CA TYR C 60 -2.77 5.53 7.51
C TYR C 60 -3.14 6.22 6.21
N ALA C 61 -3.64 7.44 6.34
CA ALA C 61 -3.80 8.30 5.18
C ALA C 61 -2.43 8.70 4.65
N ASP C 62 -2.35 8.93 3.33
CA ASP C 62 -1.07 9.24 2.70
C ASP C 62 -0.41 10.45 3.33
N SER C 63 -1.20 11.42 3.79
CA SER C 63 -0.66 12.67 4.29
C SER C 63 -0.07 12.55 5.69
N VAL C 64 -0.35 11.48 6.41
CA VAL C 64 0.16 11.31 7.77
C VAL C 64 1.03 10.07 7.92
N LYS C 65 1.06 9.18 6.93
CA LYS C 65 1.86 7.96 7.02
C LYS C 65 3.31 8.28 7.32
N GLY C 66 3.89 7.56 8.28
CA GLY C 66 5.24 7.76 8.71
C GLY C 66 5.40 8.81 9.79
N ARG C 67 4.53 9.82 9.79
CA ARG C 67 4.57 10.85 10.82
C ARG C 67 3.69 10.50 12.02
N PHE C 68 2.60 9.78 11.81
CA PHE C 68 1.69 9.40 12.87
C PHE C 68 1.79 7.90 13.13
N THR C 69 1.58 7.50 14.37
CA THR C 69 1.61 6.10 14.77
C THR C 69 0.41 5.82 15.66
N ILE C 70 -0.45 4.91 15.21
CA ILE C 70 -1.64 4.52 15.95
C ILE C 70 -1.33 3.23 16.71
N SER C 71 -1.94 3.09 17.88
CA SER C 71 -1.75 1.89 18.71
C SER C 71 -2.91 1.82 19.69
N ARG C 72 -3.01 0.66 20.36
CA ARG C 72 -4.07 0.47 21.32
C ARG C 72 -3.60 -0.41 22.47
N ASP C 73 -4.19 -0.19 23.64
CA ASP C 73 -4.02 -1.04 24.81
C ASP C 73 -5.42 -1.52 25.17
N ASN C 74 -5.75 -2.76 24.78
CA ASN C 74 -7.09 -3.28 25.05
C ASN C 74 -7.30 -3.51 26.54
N ALA C 75 -6.24 -3.84 27.28
CA ALA C 75 -6.37 -3.97 28.73
C ALA C 75 -6.79 -2.67 29.38
N LYS C 76 -6.34 -1.53 28.83
CA LYS C 76 -6.69 -0.22 29.37
C LYS C 76 -7.87 0.43 28.66
N ASN C 77 -8.45 -0.23 27.66
CA ASN C 77 -9.56 0.32 26.88
C ASN C 77 -9.20 1.68 26.29
N THR C 78 -7.98 1.80 25.79
CA THR C 78 -7.46 3.08 25.33
C THR C 78 -6.86 2.97 23.93
N LEU C 79 -7.15 3.97 23.11
CA LEU C 79 -6.57 4.13 21.79
C LEU C 79 -5.64 5.32 21.80
N TYR C 80 -4.51 5.20 21.09
CA TYR C 80 -3.50 6.26 21.08
C TYR C 80 -3.20 6.69 19.65
N LEU C 81 -2.83 7.95 19.51
CA LEU C 81 -2.24 8.47 18.29
C LEU C 81 -0.99 9.26 18.67
N GLN C 82 0.18 8.76 18.27
CA GLN C 82 1.42 9.50 18.42
C GLN C 82 1.66 10.31 17.17
N MET C 83 1.74 11.63 17.32
CA MET C 83 1.89 12.55 16.20
C MET C 83 3.27 13.17 16.25
N ASN C 84 4.06 12.94 15.20
CA ASN C 84 5.39 13.51 15.08
C ASN C 84 5.49 14.30 13.78
N SER C 85 6.50 15.17 13.71
CA SER C 85 6.71 16.05 12.56
C SER C 85 5.45 16.81 12.21
N LEU C 86 4.85 17.44 13.23
CA LEU C 86 3.56 18.07 13.07
C LEU C 86 3.65 19.27 12.15
N LYS C 87 2.75 19.32 11.18
CA LYS C 87 2.68 20.36 10.16
C LYS C 87 1.42 21.19 10.34
N PRO C 88 1.39 22.42 9.78
CA PRO C 88 0.22 23.27 10.00
C PRO C 88 -1.08 22.68 9.49
N GLU C 89 -1.03 21.86 8.44
CA GLU C 89 -2.23 21.22 7.91
C GLU C 89 -2.84 20.22 8.89
N ASP C 90 -2.14 19.89 9.97
CA ASP C 90 -2.65 18.96 10.97
C ASP C 90 -3.59 19.61 11.96
N THR C 91 -3.74 20.94 11.93
CA THR C 91 -4.63 21.62 12.85
C THR C 91 -6.08 21.20 12.60
N ALA C 92 -6.69 20.60 13.61
CA ALA C 92 -8.02 20.03 13.47
C ALA C 92 -8.52 19.60 14.85
N VAL C 93 -9.82 19.33 14.92
CA VAL C 93 -10.38 18.57 16.03
C VAL C 93 -10.26 17.10 15.68
N TYR C 94 -9.64 16.33 16.56
CA TYR C 94 -9.38 14.92 16.33
C TYR C 94 -10.39 14.06 17.08
N TYR C 95 -11.05 13.16 16.37
CA TYR C 95 -12.05 12.26 16.93
C TYR C 95 -11.58 10.82 16.80
N CYS C 96 -11.89 10.00 17.80
CA CYS C 96 -11.78 8.56 17.65
C CYS C 96 -13.16 7.98 17.33
N ALA C 97 -13.14 6.87 16.60
CA ALA C 97 -14.37 6.23 16.16
C ALA C 97 -14.16 4.72 16.15
N ALA C 98 -15.26 3.99 16.26
CA ALA C 98 -15.22 2.53 16.43
C ALA C 98 -16.13 1.85 15.42
N LYS C 99 -15.66 0.71 14.91
CA LYS C 99 -16.46 -0.13 14.03
C LYS C 99 -16.25 -1.58 14.42
N GLU C 100 -17.35 -2.30 14.63
CA GLU C 100 -17.31 -3.64 15.19
C GLU C 100 -16.81 -4.66 14.17
N GLY C 101 -16.17 -5.71 14.67
CA GLY C 101 -15.87 -6.88 13.88
C GLY C 101 -14.40 -7.19 13.74
N PRO C 102 -14.07 -8.49 13.69
CA PRO C 102 -12.66 -8.89 13.56
C PRO C 102 -12.03 -8.51 12.24
N TYR C 103 -12.81 -8.31 11.18
CA TYR C 103 -12.27 -7.96 9.87
C TYR C 103 -12.36 -6.46 9.59
N SER C 104 -12.87 -5.67 10.53
CA SER C 104 -12.88 -4.23 10.38
C SER C 104 -11.48 -3.66 10.57
N GLY C 105 -11.33 -2.39 10.21
CA GLY C 105 -10.02 -1.77 10.19
C GLY C 105 -9.45 -1.75 8.79
N SER C 106 -9.37 -0.57 8.18
CA SER C 106 -9.01 -0.49 6.77
C SER C 106 -8.57 0.93 6.44
N TYR C 107 -8.16 1.10 5.18
CA TYR C 107 -7.78 2.40 4.63
C TYR C 107 -9.03 3.06 4.04
N TYR C 108 -9.23 4.34 4.35
CA TYR C 108 -10.33 5.09 3.79
C TYR C 108 -9.82 6.05 2.71
N TYR C 109 -10.40 5.96 1.52
CA TYR C 109 -9.99 6.74 0.37
C TYR C 109 -11.02 7.80 -0.02
N MET C 110 -12.04 7.99 0.79
CA MET C 110 -13.09 8.98 0.53
C MET C 110 -13.44 9.65 1.84
N PRO C 111 -14.05 10.84 1.80
CA PRO C 111 -14.49 11.49 3.03
C PRO C 111 -15.48 10.61 3.79
N VAL C 112 -15.45 10.74 5.12
CA VAL C 112 -16.27 9.91 5.99
C VAL C 112 -17.24 10.80 6.76
N PHE C 113 -18.28 10.16 7.28
CA PHE C 113 -19.28 10.84 8.09
C PHE C 113 -19.50 10.06 9.38
N ARG C 114 -19.94 10.77 10.42
CA ARG C 114 -20.07 10.16 11.75
C ARG C 114 -20.96 8.93 11.72
N ASP C 115 -22.08 9.00 10.98
CA ASP C 115 -23.05 7.92 10.97
C ASP C 115 -22.53 6.63 10.35
N GLU C 116 -21.32 6.64 9.78
CA GLU C 116 -20.74 5.43 9.24
C GLU C 116 -20.01 4.60 10.30
N TYR C 117 -19.86 5.12 11.51
CA TYR C 117 -19.20 4.42 12.60
C TYR C 117 -20.21 4.02 13.68
N ASP C 118 -19.85 3.00 14.44
CA ASP C 118 -20.73 2.53 15.52
C ASP C 118 -20.71 3.49 16.69
N TYR C 119 -19.54 4.02 17.04
CA TYR C 119 -19.42 4.96 18.14
C TYR C 119 -18.50 6.10 17.71
N TRP C 120 -18.82 7.31 18.17
CA TRP C 120 -18.10 8.51 17.76
C TRP C 120 -17.67 9.30 18.99
N GLY C 121 -16.43 9.80 18.96
CA GLY C 121 -15.85 10.44 20.12
C GLY C 121 -16.36 11.85 20.36
N GLN C 122 -15.78 12.47 21.38
CA GLN C 122 -16.10 13.86 21.74
C GLN C 122 -15.21 14.86 21.03
N GLY C 123 -13.96 14.49 20.72
CA GLY C 123 -13.06 15.35 19.98
C GLY C 123 -12.12 16.15 20.87
N THR C 124 -10.87 16.30 20.41
CA THR C 124 -9.90 17.15 21.10
C THR C 124 -9.24 18.06 20.08
N GLN C 125 -8.94 19.28 20.50
CA GLN C 125 -8.38 20.28 19.59
C GLN C 125 -6.87 20.15 19.51
N VAL C 126 -6.36 20.08 18.28
CA VAL C 126 -4.91 20.09 18.02
C VAL C 126 -4.62 21.30 17.15
N THR C 127 -3.74 22.18 17.64
CA THR C 127 -3.38 23.40 16.96
C THR C 127 -1.88 23.44 16.73
N VAL C 128 -1.47 23.68 15.49
CA VAL C 128 -0.06 23.74 15.12
C VAL C 128 0.19 25.09 14.46
N SER C 129 1.02 25.92 15.09
CA SER C 129 1.37 27.22 14.55
C SER C 129 2.81 27.54 14.89
N SER C 130 3.46 28.32 14.02
CA SER C 130 4.85 28.71 14.21
C SER C 130 5.05 29.47 15.52
N GLN D 1 -56.80 -3.01 8.27
CA GLN D 1 -57.02 -2.00 7.23
C GLN D 1 -56.68 -2.57 5.85
N VAL D 2 -55.44 -3.03 5.68
CA VAL D 2 -55.02 -3.65 4.44
C VAL D 2 -55.62 -5.05 4.36
N GLN D 3 -56.31 -5.34 3.26
CA GLN D 3 -56.91 -6.65 3.07
C GLN D 3 -56.92 -7.01 1.60
N LEU D 4 -56.61 -8.27 1.31
CA LEU D 4 -56.75 -8.86 -0.01
C LEU D 4 -57.60 -10.11 0.15
N GLN D 5 -58.81 -10.08 -0.39
CA GLN D 5 -59.75 -11.18 -0.25
C GLN D 5 -59.92 -11.88 -1.60
N GLU D 6 -59.58 -13.15 -1.66
CA GLU D 6 -59.78 -13.95 -2.86
C GLU D 6 -61.18 -14.56 -2.86
N SER D 7 -61.65 -14.86 -4.06
CA SER D 7 -62.89 -15.59 -4.25
C SER D 7 -62.81 -16.29 -5.60
N GLY D 8 -63.83 -17.09 -5.90
CA GLY D 8 -63.95 -17.71 -7.20
C GLY D 8 -63.34 -19.08 -7.34
N GLY D 9 -62.68 -19.60 -6.31
CA GLY D 9 -62.22 -20.96 -6.36
C GLY D 9 -63.37 -21.95 -6.28
N GLY D 10 -63.07 -23.21 -6.59
CA GLY D 10 -64.09 -24.22 -6.54
C GLY D 10 -63.59 -25.53 -7.12
N LEU D 11 -64.54 -26.46 -7.27
CA LEU D 11 -64.27 -27.78 -7.82
C LEU D 11 -64.68 -27.81 -9.28
N VAL D 12 -63.76 -28.21 -10.16
CA VAL D 12 -64.04 -28.37 -11.57
C VAL D 12 -63.44 -29.69 -12.04
N GLN D 13 -64.04 -30.23 -13.11
CA GLN D 13 -63.48 -31.40 -13.76
C GLN D 13 -62.24 -30.99 -14.54
N PRO D 14 -61.37 -31.95 -14.88
CA PRO D 14 -60.25 -31.63 -15.77
C PRO D 14 -60.77 -31.10 -17.11
N GLY D 15 -60.14 -30.02 -17.58
CA GLY D 15 -60.59 -29.35 -18.77
C GLY D 15 -61.56 -28.21 -18.53
N GLY D 16 -62.04 -28.03 -17.31
CA GLY D 16 -62.92 -26.94 -16.97
C GLY D 16 -62.17 -25.62 -16.83
N SER D 17 -62.91 -24.60 -16.41
CA SER D 17 -62.37 -23.26 -16.29
C SER D 17 -62.90 -22.58 -15.03
N LEU D 18 -62.15 -21.57 -14.57
CA LEU D 18 -62.52 -20.82 -13.39
C LEU D 18 -62.00 -19.39 -13.54
N ARG D 19 -62.68 -18.45 -12.88
CA ARG D 19 -62.25 -17.06 -12.83
C ARG D 19 -62.05 -16.67 -11.37
N LEU D 20 -60.78 -16.56 -10.95
CA LEU D 20 -60.46 -16.11 -9.61
C LEU D 20 -60.43 -14.58 -9.55
N SER D 21 -60.79 -14.04 -8.40
CA SER D 21 -60.74 -12.60 -8.19
C SER D 21 -60.18 -12.32 -6.80
N CYS D 22 -59.60 -11.13 -6.66
CA CYS D 22 -58.93 -10.73 -5.43
C CYS D 22 -59.17 -9.24 -5.23
N ALA D 23 -60.01 -8.88 -4.25
CA ALA D 23 -60.40 -7.50 -4.03
C ALA D 23 -59.50 -6.88 -2.97
N ALA D 24 -59.05 -5.65 -3.23
CA ALA D 24 -58.10 -4.96 -2.37
C ALA D 24 -58.75 -3.76 -1.70
N SER D 25 -58.27 -3.43 -0.50
CA SER D 25 -58.67 -2.23 0.20
C SER D 25 -57.68 -1.96 1.32
N GLY D 26 -57.69 -0.72 1.80
CA GLY D 26 -56.78 -0.29 2.84
C GLY D 26 -55.45 0.22 2.35
N PHE D 27 -55.13 0.04 1.07
CA PHE D 27 -53.90 0.54 0.48
C PHE D 27 -54.17 0.96 -0.95
N THR D 28 -53.19 1.64 -1.55
CA THR D 28 -53.34 2.16 -2.91
C THR D 28 -53.05 1.02 -3.88
N PHE D 29 -54.12 0.38 -4.37
CA PHE D 29 -53.98 -0.78 -5.25
C PHE D 29 -53.22 -0.45 -6.53
N SER D 30 -53.38 0.78 -7.04
CA SER D 30 -52.73 1.16 -8.29
C SER D 30 -51.23 1.39 -8.15
N SER D 31 -50.70 1.41 -6.94
CA SER D 31 -49.27 1.59 -6.72
C SER D 31 -48.51 0.29 -6.57
N TYR D 32 -49.19 -0.86 -6.69
CA TYR D 32 -48.59 -2.15 -6.39
C TYR D 32 -48.71 -3.07 -7.59
N ALA D 33 -47.63 -3.81 -7.86
CA ALA D 33 -47.71 -4.94 -8.77
C ALA D 33 -48.35 -6.12 -8.05
N MET D 34 -49.17 -6.88 -8.77
CA MET D 34 -49.92 -7.98 -8.19
C MET D 34 -49.40 -9.32 -8.69
N SER D 35 -49.46 -10.32 -7.81
CA SER D 35 -49.00 -11.65 -8.12
C SER D 35 -50.09 -12.66 -7.77
N TRP D 36 -50.09 -13.78 -8.48
CA TRP D 36 -50.78 -14.99 -8.05
C TRP D 36 -49.72 -16.05 -7.77
N VAL D 37 -49.74 -16.61 -6.55
CA VAL D 37 -48.93 -17.76 -6.22
C VAL D 37 -49.84 -18.82 -5.62
N ARG D 38 -49.52 -20.07 -5.90
CA ARG D 38 -50.34 -21.19 -5.46
C ARG D 38 -49.51 -22.13 -4.59
N GLN D 39 -50.20 -22.96 -3.82
CA GLN D 39 -49.54 -23.92 -2.94
C GLN D 39 -50.34 -25.21 -2.92
N ALA D 40 -49.72 -26.29 -3.37
CA ALA D 40 -50.29 -27.62 -3.29
C ALA D 40 -50.01 -28.24 -1.92
N PRO D 41 -50.77 -29.25 -1.52
CA PRO D 41 -50.55 -29.86 -0.19
C PRO D 41 -49.13 -30.39 -0.04
N GLY D 42 -48.49 -30.00 1.07
CA GLY D 42 -47.13 -30.44 1.34
C GLY D 42 -46.06 -29.87 0.44
N LYS D 43 -46.40 -28.87 -0.37
CA LYS D 43 -45.46 -28.29 -1.32
C LYS D 43 -45.17 -26.85 -0.96
N GLY D 44 -44.06 -26.34 -1.49
CA GLY D 44 -43.71 -24.94 -1.30
C GLY D 44 -44.55 -24.04 -2.18
N LEU D 45 -44.33 -22.74 -2.03
CA LEU D 45 -45.07 -21.76 -2.80
C LEU D 45 -44.57 -21.72 -4.23
N GLU D 46 -45.51 -21.76 -5.18
CA GLU D 46 -45.19 -21.71 -6.61
C GLU D 46 -45.78 -20.42 -7.19
N TRP D 47 -44.90 -19.53 -7.65
CA TRP D 47 -45.37 -18.34 -8.35
C TRP D 47 -46.06 -18.73 -9.65
N VAL D 48 -47.17 -18.07 -9.94
CA VAL D 48 -48.02 -18.40 -11.09
C VAL D 48 -47.98 -17.30 -12.14
N SER D 49 -48.27 -16.07 -11.74
CA SER D 49 -48.42 -15.00 -12.71
C SER D 49 -48.20 -13.66 -12.02
N ASP D 50 -47.79 -12.67 -12.80
CA ASP D 50 -47.52 -11.32 -12.32
C ASP D 50 -48.12 -10.31 -13.27
N ILE D 51 -48.55 -9.17 -12.73
CA ILE D 51 -49.02 -8.04 -13.51
C ILE D 51 -48.52 -6.77 -12.85
N ASN D 52 -48.09 -5.81 -13.66
CA ASN D 52 -47.53 -4.58 -13.10
C ASN D 52 -48.65 -3.70 -12.56
N SER D 53 -48.25 -2.62 -11.87
CA SER D 53 -49.21 -1.78 -11.18
C SER D 53 -50.21 -1.13 -12.13
N GLY D 54 -49.79 -0.87 -13.37
CA GLY D 54 -50.68 -0.29 -14.36
C GLY D 54 -51.48 -1.26 -15.19
N GLY D 55 -51.10 -2.53 -15.20
CA GLY D 55 -51.84 -3.56 -15.91
C GLY D 55 -51.30 -3.91 -17.28
N GLY D 56 -50.36 -3.13 -17.81
CA GLY D 56 -49.91 -3.35 -19.18
C GLY D 56 -48.94 -4.50 -19.37
N SER D 57 -48.28 -4.96 -18.31
CA SER D 57 -47.22 -5.95 -18.41
C SER D 57 -47.59 -7.19 -17.58
N THR D 58 -47.54 -8.36 -18.21
CA THR D 58 -47.92 -9.60 -17.56
C THR D 58 -46.80 -10.62 -17.71
N TYR D 59 -46.75 -11.56 -16.77
CA TYR D 59 -45.73 -12.60 -16.72
C TYR D 59 -46.38 -13.89 -16.26
N TYR D 60 -45.86 -15.02 -16.73
CA TYR D 60 -46.46 -16.31 -16.42
C TYR D 60 -45.37 -17.36 -16.23
N ALA D 61 -45.62 -18.28 -15.30
CA ALA D 61 -44.79 -19.46 -15.17
C ALA D 61 -45.00 -20.38 -16.37
N ASP D 62 -43.95 -21.14 -16.72
CA ASP D 62 -44.04 -22.01 -17.89
C ASP D 62 -45.13 -23.05 -17.74
N SER D 63 -45.49 -23.42 -16.50
CA SER D 63 -46.49 -24.45 -16.29
C SER D 63 -47.91 -23.98 -16.56
N VAL D 64 -48.15 -22.67 -16.55
CA VAL D 64 -49.49 -22.13 -16.76
C VAL D 64 -49.58 -21.22 -17.98
N LYS D 65 -48.47 -20.84 -18.59
CA LYS D 65 -48.49 -19.88 -19.69
C LYS D 65 -49.35 -20.41 -20.84
N GLY D 66 -50.23 -19.56 -21.35
CA GLY D 66 -51.19 -19.94 -22.37
C GLY D 66 -52.52 -20.43 -21.83
N ARG D 67 -52.50 -21.09 -20.67
CA ARG D 67 -53.73 -21.59 -20.06
C ARG D 67 -54.36 -20.57 -19.12
N PHE D 68 -53.56 -19.78 -18.42
CA PHE D 68 -54.06 -18.79 -17.48
C PHE D 68 -53.83 -17.39 -18.03
N THR D 69 -54.69 -16.46 -17.61
CA THR D 69 -54.60 -15.07 -18.05
C THR D 69 -54.85 -14.16 -16.86
N ILE D 70 -53.86 -13.34 -16.52
CA ILE D 70 -53.96 -12.41 -15.40
C ILE D 70 -54.38 -11.05 -15.93
N SER D 71 -55.20 -10.34 -15.17
CA SER D 71 -55.64 -9.01 -15.54
C SER D 71 -56.03 -8.26 -14.27
N ARG D 72 -56.25 -6.96 -14.42
CA ARG D 72 -56.60 -6.13 -13.27
C ARG D 72 -57.49 -4.99 -13.73
N ASP D 73 -58.35 -4.54 -12.83
CA ASP D 73 -59.18 -3.35 -13.03
C ASP D 73 -58.93 -2.43 -11.83
N ASN D 74 -58.07 -1.44 -12.02
CA ASN D 74 -57.70 -0.55 -10.93
C ASN D 74 -58.84 0.35 -10.49
N ALA D 75 -59.89 0.47 -11.30
CA ALA D 75 -61.08 1.21 -10.87
C ALA D 75 -61.86 0.42 -9.81
N LYS D 76 -62.05 -0.87 -10.05
CA LYS D 76 -62.69 -1.74 -9.07
C LYS D 76 -61.72 -2.20 -7.98
N ASN D 77 -60.43 -1.89 -8.11
CA ASN D 77 -59.40 -2.38 -7.19
C ASN D 77 -59.47 -3.90 -7.07
N THR D 78 -59.41 -4.58 -8.22
CA THR D 78 -59.59 -6.01 -8.28
C THR D 78 -58.58 -6.64 -9.23
N LEU D 79 -58.03 -7.78 -8.82
CA LEU D 79 -57.14 -8.58 -9.63
C LEU D 79 -57.86 -9.86 -10.03
N TYR D 80 -57.67 -10.29 -11.28
CA TYR D 80 -58.31 -11.48 -11.78
C TYR D 80 -57.29 -12.50 -12.28
N LEU D 81 -57.67 -13.77 -12.21
CA LEU D 81 -56.95 -14.86 -12.86
C LEU D 81 -57.95 -15.71 -13.60
N GLN D 82 -57.91 -15.65 -14.93
CA GLN D 82 -58.74 -16.51 -15.76
C GLN D 82 -57.99 -17.82 -16.01
N MET D 83 -58.57 -18.92 -15.55
CA MET D 83 -57.94 -20.24 -15.65
C MET D 83 -58.72 -21.10 -16.64
N ASN D 84 -58.06 -21.52 -17.71
CA ASN D 84 -58.63 -22.45 -18.68
C ASN D 84 -57.74 -23.68 -18.77
N SER D 85 -58.27 -24.71 -19.45
CA SER D 85 -57.56 -25.97 -19.65
C SER D 85 -56.99 -26.50 -18.33
N LEU D 86 -57.82 -26.49 -17.29
CA LEU D 86 -57.38 -26.91 -15.97
C LEU D 86 -57.10 -28.41 -15.95
N LYS D 87 -56.09 -28.79 -15.18
CA LYS D 87 -55.66 -30.16 -15.01
C LYS D 87 -55.45 -30.44 -13.52
N PRO D 88 -55.45 -31.72 -13.13
CA PRO D 88 -55.31 -32.03 -11.69
C PRO D 88 -54.10 -31.41 -11.03
N GLU D 89 -53.01 -31.19 -11.76
CA GLU D 89 -51.83 -30.57 -11.18
C GLU D 89 -52.05 -29.13 -10.77
N ASP D 90 -53.14 -28.50 -11.24
CA ASP D 90 -53.48 -27.15 -10.83
C ASP D 90 -54.19 -27.09 -9.49
N THR D 91 -54.54 -28.24 -8.91
CA THR D 91 -55.20 -28.25 -7.60
C THR D 91 -54.26 -27.68 -6.55
N ALA D 92 -54.71 -26.61 -5.89
CA ALA D 92 -53.91 -25.87 -4.92
C ALA D 92 -54.79 -24.77 -4.34
N VAL D 93 -54.27 -24.10 -3.32
CA VAL D 93 -54.84 -22.85 -2.84
C VAL D 93 -54.09 -21.72 -3.54
N TYR D 94 -54.84 -20.74 -4.04
CA TYR D 94 -54.28 -19.67 -4.85
C TYR D 94 -54.34 -18.36 -4.07
N TYR D 95 -53.18 -17.73 -3.90
CA TYR D 95 -53.08 -16.46 -3.20
C TYR D 95 -52.75 -15.34 -4.17
N CYS D 96 -53.39 -14.18 -4.00
CA CYS D 96 -52.87 -12.96 -4.57
C CYS D 96 -51.87 -12.34 -3.59
N ALA D 97 -50.91 -11.59 -4.14
CA ALA D 97 -49.90 -10.95 -3.32
C ALA D 97 -49.45 -9.68 -4.02
N ALA D 98 -49.11 -8.66 -3.22
CA ALA D 98 -48.80 -7.34 -3.73
C ALA D 98 -47.36 -6.96 -3.38
N LYS D 99 -46.73 -6.24 -4.30
CA LYS D 99 -45.41 -5.64 -4.08
C LYS D 99 -45.46 -4.23 -4.65
N GLU D 100 -45.07 -3.25 -3.84
CA GLU D 100 -45.14 -1.86 -4.25
C GLU D 100 -44.11 -1.56 -5.33
N GLY D 101 -44.32 -0.47 -6.05
CA GLY D 101 -43.35 0.01 -7.01
C GLY D 101 -43.85 -0.01 -8.44
N PRO D 102 -43.52 1.04 -9.19
CA PRO D 102 -43.95 1.09 -10.60
C PRO D 102 -43.19 0.12 -11.49
N TYR D 103 -42.01 -0.33 -11.08
CA TYR D 103 -41.19 -1.23 -11.87
C TYR D 103 -41.22 -2.66 -11.37
N SER D 104 -42.03 -2.94 -10.36
CA SER D 104 -42.26 -4.31 -9.93
C SER D 104 -43.15 -5.02 -10.94
N GLY D 105 -43.25 -6.34 -10.78
CA GLY D 105 -43.94 -7.17 -11.74
C GLY D 105 -42.93 -7.84 -12.66
N SER D 106 -42.78 -9.15 -12.56
CA SER D 106 -41.69 -9.83 -13.25
C SER D 106 -41.93 -11.35 -13.21
N TYR D 107 -41.01 -12.06 -13.82
CA TYR D 107 -40.97 -13.52 -13.85
C TYR D 107 -40.14 -14.02 -12.66
N TYR D 108 -40.74 -14.88 -11.84
CA TYR D 108 -40.05 -15.46 -10.69
C TYR D 108 -39.58 -16.86 -11.04
N TYR D 109 -38.28 -17.11 -10.85
CA TYR D 109 -37.67 -18.40 -11.15
C TYR D 109 -37.19 -19.14 -9.92
N MET D 110 -37.15 -18.50 -8.77
CA MET D 110 -36.77 -19.11 -7.51
C MET D 110 -38.00 -19.54 -6.74
N PRO D 111 -37.84 -20.40 -5.74
CA PRO D 111 -38.93 -20.61 -4.79
C PRO D 111 -39.23 -19.31 -4.07
N VAL D 112 -40.51 -18.96 -4.00
CA VAL D 112 -40.92 -17.70 -3.39
C VAL D 112 -41.29 -17.97 -1.93
N PHE D 113 -41.25 -16.90 -1.14
CA PHE D 113 -41.59 -16.98 0.27
C PHE D 113 -42.46 -15.79 0.63
N ARG D 114 -43.17 -15.92 1.76
CA ARG D 114 -44.16 -14.91 2.12
C ARG D 114 -43.52 -13.53 2.31
N ASP D 115 -42.33 -13.49 2.91
CA ASP D 115 -41.70 -12.20 3.19
C ASP D 115 -41.23 -11.48 1.93
N GLU D 116 -41.18 -12.17 0.78
CA GLU D 116 -40.76 -11.53 -0.46
C GLU D 116 -41.82 -10.61 -1.03
N TYR D 117 -43.02 -10.57 -0.45
CA TYR D 117 -44.10 -9.70 -0.91
C TYR D 117 -44.54 -8.78 0.21
N ASP D 118 -45.25 -7.71 -0.18
CA ASP D 118 -45.70 -6.73 0.80
C ASP D 118 -47.00 -7.18 1.47
N TYR D 119 -48.01 -7.52 0.68
CA TYR D 119 -49.32 -7.91 1.20
C TYR D 119 -49.71 -9.26 0.64
N TRP D 120 -50.41 -10.06 1.45
CA TRP D 120 -50.84 -11.40 1.08
C TRP D 120 -52.34 -11.56 1.31
N GLY D 121 -53.01 -12.22 0.37
CA GLY D 121 -54.39 -12.57 0.53
C GLY D 121 -54.58 -13.78 1.42
N GLN D 122 -55.84 -14.15 1.63
CA GLN D 122 -56.18 -15.30 2.46
C GLN D 122 -56.27 -16.60 1.66
N GLY D 123 -56.29 -16.52 0.35
CA GLY D 123 -56.30 -17.71 -0.49
C GLY D 123 -57.70 -18.13 -0.88
N THR D 124 -57.78 -18.81 -2.02
CA THR D 124 -59.00 -19.46 -2.47
C THR D 124 -58.63 -20.83 -3.01
N GLN D 125 -59.41 -21.85 -2.65
CA GLN D 125 -59.09 -23.23 -2.99
CA GLN D 125 -59.08 -23.22 -3.00
C GLN D 125 -59.54 -23.55 -4.42
N VAL D 126 -58.68 -24.24 -5.15
CA VAL D 126 -59.00 -24.73 -6.49
C VAL D 126 -58.70 -26.22 -6.51
N THR D 127 -59.69 -27.02 -6.91
CA THR D 127 -59.53 -28.48 -6.98
C THR D 127 -59.99 -28.94 -8.35
N VAL D 128 -59.14 -29.71 -9.03
CA VAL D 128 -59.42 -30.20 -10.37
C VAL D 128 -59.37 -31.73 -10.31
N SER D 129 -60.54 -32.37 -10.27
CA SER D 129 -60.61 -33.82 -10.29
C SER D 129 -61.95 -34.24 -10.87
N SER D 130 -61.94 -35.38 -11.55
CA SER D 130 -63.19 -35.93 -12.08
C SER D 130 -63.99 -36.66 -11.00
N HIS D 131 -63.32 -37.19 -9.99
CA HIS D 131 -63.99 -37.90 -8.91
C HIS D 131 -63.72 -37.23 -7.57
N HIS E 10 46.24 28.04 8.48
CA HIS E 10 46.83 26.71 8.51
C HIS E 10 45.87 25.71 9.15
N SER E 11 45.10 26.17 10.12
CA SER E 11 44.18 25.30 10.84
C SER E 11 42.95 24.99 9.99
N GLN E 12 42.34 23.84 10.29
CA GLN E 12 41.11 23.45 9.61
C GLN E 12 39.92 24.20 10.18
N ASP E 13 39.03 24.64 9.30
CA ASP E 13 37.71 25.07 9.74
C ASP E 13 36.95 23.82 10.17
N PRO E 14 36.46 23.77 11.41
CA PRO E 14 35.88 22.52 11.91
C PRO E 14 34.60 22.13 11.18
N ILE E 15 34.43 20.83 11.00
CA ILE E 15 33.21 20.30 10.41
C ILE E 15 32.13 20.24 11.48
N ARG E 16 30.98 20.83 11.19
CA ARG E 16 29.89 20.90 12.15
C ARG E 16 28.62 20.29 11.56
N ARG E 17 27.78 19.75 12.44
CA ARG E 17 26.48 19.24 12.03
C ARG E 17 25.62 20.36 11.47
N GLY E 18 25.02 20.11 10.31
CA GLY E 18 24.26 21.12 9.59
C GLY E 18 25.01 21.78 8.46
N ASP E 19 26.33 21.59 8.39
CA ASP E 19 27.09 22.11 7.26
C ASP E 19 26.73 21.36 5.99
N VAL E 20 26.77 22.08 4.86
CA VAL E 20 26.58 21.50 3.54
C VAL E 20 27.92 21.51 2.82
N TYR E 21 28.34 20.35 2.33
CA TYR E 21 29.59 20.20 1.62
C TYR E 21 29.35 19.62 0.24
N LEU E 22 30.26 19.93 -0.68
CA LEU E 22 30.34 19.23 -1.96
C LEU E 22 31.19 17.98 -1.76
N ALA E 23 30.66 16.82 -2.16
CA ALA E 23 31.31 15.56 -1.86
C ALA E 23 31.17 14.61 -3.04
N ASP E 24 32.21 13.81 -3.25
CA ASP E 24 32.23 12.80 -4.32
C ASP E 24 31.62 11.51 -3.77
N LEU E 25 30.37 11.22 -4.15
CA LEU E 25 29.73 9.98 -3.75
C LEU E 25 30.04 8.82 -4.68
N SER E 26 30.65 9.10 -5.84
CA SER E 26 30.93 8.04 -6.80
C SER E 26 31.93 7.04 -6.23
N PRO E 27 31.84 5.76 -6.65
CA PRO E 27 30.77 5.21 -7.48
C PRO E 27 29.62 4.66 -6.64
N VAL E 28 28.45 4.43 -7.26
CA VAL E 28 27.29 3.85 -6.59
C VAL E 28 26.61 2.86 -7.53
N GLN E 29 25.69 2.09 -6.97
CA GLN E 29 24.94 1.08 -7.71
C GLN E 29 23.45 1.33 -7.55
N GLY E 30 22.70 1.02 -8.61
CA GLY E 30 21.24 1.05 -8.53
C GLY E 30 20.71 2.43 -8.20
N SER E 31 19.69 2.47 -7.35
CA SER E 31 19.02 3.70 -6.95
C SER E 31 19.78 4.47 -5.88
N GLU E 32 20.99 4.07 -5.52
CA GLU E 32 21.80 4.87 -4.62
C GLU E 32 22.15 6.19 -5.28
N GLN E 33 22.21 7.25 -4.47
CA GLN E 33 22.56 8.57 -4.97
C GLN E 33 24.06 8.66 -5.22
N GLY E 34 24.44 9.14 -6.39
CA GLY E 34 25.85 9.20 -6.74
C GLY E 34 26.33 10.56 -7.24
N GLY E 35 27.49 10.56 -7.89
CA GLY E 35 28.02 11.79 -8.47
C GLY E 35 28.60 12.73 -7.43
N VAL E 36 29.11 13.85 -7.94
CA VAL E 36 29.59 14.94 -7.10
C VAL E 36 28.41 15.86 -6.82
N ARG E 37 28.06 16.02 -5.54
CA ARG E 37 26.81 16.67 -5.20
C ARG E 37 26.92 17.24 -3.79
N PRO E 38 26.07 18.20 -3.43
CA PRO E 38 26.02 18.67 -2.05
C PRO E 38 25.47 17.61 -1.11
N VAL E 39 26.04 17.55 0.10
CA VAL E 39 25.58 16.69 1.16
C VAL E 39 25.57 17.48 2.45
N VAL E 40 24.71 17.10 3.38
CA VAL E 40 24.56 17.78 4.66
C VAL E 40 25.13 16.89 5.76
N ILE E 41 25.97 17.48 6.62
CA ILE E 41 26.50 16.72 7.75
C ILE E 41 25.40 16.50 8.76
N ILE E 42 25.19 15.23 9.12
CA ILE E 42 24.20 14.88 10.15
C ILE E 42 24.83 14.18 11.35
N GLN E 43 26.11 13.80 11.28
CA GLN E 43 26.77 13.18 12.41
C GLN E 43 26.95 14.20 13.53
N ASN E 44 27.02 13.70 14.76
CA ASN E 44 27.25 14.55 15.92
C ASN E 44 28.61 15.23 15.81
N ASP E 45 28.73 16.38 16.47
CA ASP E 45 29.89 17.24 16.25
C ASP E 45 31.17 16.67 16.88
N THR E 46 31.04 15.83 17.91
CA THR E 46 32.22 15.17 18.45
C THR E 46 32.85 14.24 17.41
N GLY E 47 32.03 13.44 16.74
CA GLY E 47 32.54 12.60 15.67
C GLY E 47 33.07 13.41 14.50
N ASN E 48 32.45 14.56 14.24
CA ASN E 48 32.90 15.41 13.15
C ASN E 48 34.26 16.02 13.46
N LYS E 49 34.50 16.36 14.72
CA LYS E 49 35.75 17.00 15.09
C LYS E 49 36.91 16.01 15.12
N TYR E 50 36.63 14.73 15.38
CA TYR E 50 37.68 13.79 15.76
C TYR E 50 37.83 12.59 14.83
N SER E 51 36.74 11.98 14.38
CA SER E 51 36.84 10.71 13.68
C SER E 51 37.21 10.91 12.21
N PRO E 52 37.78 9.89 11.57
CA PRO E 52 38.12 10.02 10.14
C PRO E 52 36.92 9.99 9.21
N THR E 53 35.73 9.69 9.71
CA THR E 53 34.53 9.66 8.88
C THR E 53 33.48 10.64 9.41
N VAL E 54 32.59 11.04 8.51
CA VAL E 54 31.41 11.81 8.83
C VAL E 54 30.20 11.05 8.28
N ILE E 55 29.02 11.45 8.69
CA ILE E 55 27.77 10.91 8.17
C ILE E 55 27.01 12.05 7.52
N VAL E 56 26.52 11.81 6.30
CA VAL E 56 25.89 12.84 5.50
C VAL E 56 24.58 12.31 4.93
N ALA E 57 23.76 13.23 4.45
CA ALA E 57 22.56 12.92 3.70
C ALA E 57 22.63 13.62 2.35
N ALA E 58 22.23 12.91 1.29
CA ALA E 58 22.35 13.45 -0.05
C ALA E 58 21.32 14.55 -0.30
N ILE E 59 21.71 15.53 -1.11
CA ILE E 59 20.83 16.56 -1.62
C ILE E 59 20.65 16.34 -3.12
N THR E 60 19.41 16.41 -3.60
CA THR E 60 19.12 16.24 -5.01
C THR E 60 18.33 17.43 -5.54
N GLY E 61 18.60 17.78 -6.79
CA GLY E 61 17.89 18.85 -7.45
C GLY E 61 16.93 18.33 -8.51
N ARG E 62 16.85 17.01 -8.64
CA ARG E 62 15.94 16.39 -9.58
C ARG E 62 14.48 16.52 -9.15
N ILE E 63 14.24 16.86 -7.89
CA ILE E 63 12.92 17.20 -7.40
C ILE E 63 13.04 18.45 -6.53
N ASN E 64 11.99 19.25 -6.50
CA ASN E 64 11.97 20.47 -5.70
C ASN E 64 10.92 20.46 -4.60
N LYS E 65 10.15 19.37 -4.47
CA LYS E 65 9.08 19.29 -3.49
C LYS E 65 9.26 18.03 -2.66
N ALA E 66 8.99 18.14 -1.36
CA ALA E 66 9.10 17.01 -0.45
C ALA E 66 7.94 16.05 -0.68
N LYS E 67 8.24 14.89 -1.25
CA LYS E 67 7.19 13.89 -1.49
C LYS E 67 6.82 13.16 -0.20
N ILE E 68 7.81 12.59 0.47
CA ILE E 68 7.59 11.76 1.65
C ILE E 68 8.12 12.48 2.89
N PRO E 69 7.68 12.12 4.09
CA PRO E 69 8.13 12.83 5.29
C PRO E 69 9.61 12.68 5.59
N THR E 70 10.34 11.86 4.85
CA THR E 70 11.79 11.77 4.99
C THR E 70 12.51 12.72 4.03
N HIS E 71 11.79 13.63 3.40
CA HIS E 71 12.37 14.63 2.50
C HIS E 71 12.23 16.02 3.13
N VAL E 72 13.24 16.84 2.95
CA VAL E 72 13.22 18.22 3.43
C VAL E 72 13.59 19.14 2.27
N GLU E 73 12.75 20.14 2.02
CA GLU E 73 12.98 21.08 0.93
C GLU E 73 13.94 22.18 1.37
N ILE E 74 14.78 22.63 0.44
CA ILE E 74 15.66 23.77 0.64
C ILE E 74 15.67 24.60 -0.64
N GLU E 75 15.59 25.91 -0.49
CA GLU E 75 15.55 26.81 -1.64
C GLU E 75 16.96 27.07 -2.16
N LYS E 76 17.06 27.25 -3.48
CA LYS E 76 18.34 27.58 -4.09
C LYS E 76 18.89 28.88 -3.53
N LYS E 77 18.05 29.91 -3.47
CA LYS E 77 18.45 31.15 -2.81
C LYS E 77 18.68 30.90 -1.32
N LYS E 78 19.58 31.71 -0.75
CA LYS E 78 19.98 31.66 0.66
C LYS E 78 20.81 30.42 0.99
N TYR E 79 20.73 29.39 0.16
CA TYR E 79 21.52 28.18 0.34
C TYR E 79 22.52 27.94 -0.79
N LYS E 80 22.53 28.81 -1.81
CA LYS E 80 23.54 28.79 -2.87
C LYS E 80 23.57 27.45 -3.61
N LEU E 81 22.41 27.06 -4.13
CA LEU E 81 22.26 25.82 -4.87
C LEU E 81 22.00 26.13 -6.34
N ASP E 82 22.25 25.13 -7.19
CA ASP E 82 21.96 25.29 -8.62
C ASP E 82 20.47 25.39 -8.89
N LYS E 83 19.63 24.86 -8.00
CA LYS E 83 18.18 24.92 -8.13
C LYS E 83 17.57 24.51 -6.80
N ASP E 84 16.27 24.78 -6.67
CA ASP E 84 15.54 24.30 -5.50
C ASP E 84 15.68 22.79 -5.40
N SER E 85 16.09 22.32 -4.23
CA SER E 85 16.53 20.94 -4.04
C SER E 85 15.81 20.30 -2.87
N VAL E 86 16.13 19.03 -2.61
CA VAL E 86 15.50 18.26 -1.55
C VAL E 86 16.58 17.46 -0.83
N ILE E 87 16.59 17.55 0.50
CA ILE E 87 17.43 16.68 1.32
C ILE E 87 16.75 15.32 1.45
N LEU E 88 17.48 14.26 1.12
CA LEU E 88 16.95 12.90 1.13
C LEU E 88 17.49 12.19 2.36
N LEU E 89 16.71 12.23 3.44
CA LEU E 89 17.11 11.56 4.67
C LEU E 89 16.95 10.05 4.60
N GLU E 90 16.48 9.51 3.48
CA GLU E 90 16.57 8.08 3.22
C GLU E 90 17.83 7.70 2.45
N GLN E 91 18.62 8.69 2.01
CA GLN E 91 19.87 8.50 1.28
C GLN E 91 21.00 9.10 2.13
N ILE E 92 21.45 8.33 3.12
CA ILE E 92 22.47 8.76 4.06
C ILE E 92 23.61 7.77 4.01
N ARG E 93 24.84 8.26 4.22
CA ARG E 93 25.98 7.35 4.22
C ARG E 93 27.16 7.95 4.96
N THR E 94 28.08 7.07 5.33
CA THR E 94 29.29 7.42 6.05
C THR E 94 30.42 7.67 5.05
N LEU E 95 30.95 8.88 5.03
CA LEU E 95 32.02 9.25 4.12
C LEU E 95 33.30 9.48 4.89
N ASP E 96 34.39 8.87 4.42
CA ASP E 96 35.71 9.34 4.84
C ASP E 96 35.84 10.81 4.46
N LYS E 97 36.43 11.59 5.36
CA LYS E 97 36.53 13.03 5.15
C LYS E 97 37.27 13.38 3.86
N LYS E 98 38.08 12.46 3.32
CA LYS E 98 38.80 12.70 2.08
C LYS E 98 37.86 12.96 0.90
N ARG E 99 36.58 12.56 1.02
CA ARG E 99 35.61 12.82 -0.04
C ARG E 99 35.09 14.25 -0.02
N LEU E 100 35.24 14.96 1.10
CA LEU E 100 34.72 16.32 1.21
C LEU E 100 35.57 17.28 0.38
N LYS E 101 34.93 18.00 -0.54
CA LYS E 101 35.62 18.87 -1.47
C LYS E 101 35.66 20.32 -0.99
N GLU E 102 34.51 20.90 -0.65
CA GLU E 102 34.48 22.26 -0.14
C GLU E 102 33.17 22.50 0.59
N LYS E 103 33.23 23.41 1.57
CA LYS E 103 32.03 23.80 2.29
C LYS E 103 31.18 24.73 1.43
N LEU E 104 29.91 24.37 1.25
CA LEU E 104 29.00 25.19 0.47
C LEU E 104 28.22 26.17 1.33
N THR E 105 27.69 25.71 2.45
CA THR E 105 26.92 26.55 3.37
C THR E 105 26.58 25.74 4.63
N TYR E 106 25.63 26.24 5.43
CA TYR E 106 25.13 25.53 6.58
C TYR E 106 23.63 25.80 6.73
N LEU E 107 22.92 24.83 7.29
CA LEU E 107 21.48 24.94 7.45
C LEU E 107 21.12 25.71 8.71
N SER E 108 19.99 26.41 8.65
CA SER E 108 19.50 27.17 9.80
C SER E 108 19.00 26.22 10.89
N ASP E 109 18.75 26.80 12.07
CA ASP E 109 18.25 26.02 13.20
C ASP E 109 16.92 25.38 12.87
N ASP E 110 16.00 26.14 12.27
CA ASP E 110 14.69 25.61 11.94
C ASP E 110 14.76 24.57 10.83
N LYS E 111 15.74 24.68 9.93
CA LYS E 111 15.89 23.70 8.88
C LYS E 111 16.46 22.40 9.42
N MET E 112 17.38 22.48 10.39
CA MET E 112 17.94 21.27 10.96
C MET E 112 16.93 20.52 11.81
N LYS E 113 15.97 21.23 12.40
CA LYS E 113 14.88 20.57 13.11
C LYS E 113 14.10 19.67 12.17
N GLU E 114 13.80 20.16 10.96
CA GLU E 114 13.13 19.34 9.96
C GLU E 114 13.97 18.12 9.61
N VAL E 115 15.28 18.31 9.45
CA VAL E 115 16.17 17.18 9.17
C VAL E 115 16.13 16.17 10.31
N ASP E 116 16.18 16.67 11.55
CA ASP E 116 16.11 15.77 12.70
C ASP E 116 14.84 14.94 12.68
N ASN E 117 13.68 15.60 12.53
CA ASN E 117 12.41 14.89 12.49
C ASN E 117 12.35 13.91 11.33
N ALA E 118 12.94 14.27 10.19
CA ALA E 118 12.93 13.37 9.05
C ALA E 118 13.83 12.15 9.30
N LEU E 119 14.95 12.36 9.99
CA LEU E 119 15.82 11.24 10.34
C LEU E 119 15.16 10.31 11.34
N MET E 120 14.36 10.85 12.26
CA MET E 120 13.67 10.01 13.23
C MET E 120 12.67 9.10 12.53
N ILE E 121 12.03 9.59 11.47
CA ILE E 121 11.11 8.75 10.70
C ILE E 121 11.88 7.77 9.83
N SER E 122 12.87 8.28 9.09
CA SER E 122 13.64 7.44 8.17
C SER E 122 14.20 6.20 8.85
N LEU E 123 14.71 6.35 10.07
CA LEU E 123 15.37 5.26 10.77
C LEU E 123 14.50 4.64 11.85
N GLY E 124 13.20 4.93 11.85
CA GLY E 124 12.27 4.33 12.79
C GLY E 124 12.64 4.57 14.25
N LEU E 125 12.97 5.81 14.59
CA LEU E 125 13.41 6.16 15.92
C LEU E 125 12.34 6.80 16.77
N ASN E 126 11.17 7.10 16.20
CA ASN E 126 10.09 7.71 16.97
C ASN E 126 9.35 6.67 17.81
N GLN F 12 12.33 -13.63 -0.38
CA GLN F 12 11.19 -14.33 0.22
C GLN F 12 10.43 -13.43 1.18
N ASP F 13 10.73 -13.56 2.47
CA ASP F 13 10.09 -12.72 3.47
C ASP F 13 10.53 -11.27 3.29
N PRO F 14 9.65 -10.32 3.64
CA PRO F 14 10.00 -8.91 3.46
C PRO F 14 11.12 -8.48 4.40
N ILE F 15 11.93 -7.54 3.92
CA ILE F 15 13.01 -6.99 4.73
C ILE F 15 12.40 -6.26 5.92
N ARG F 16 12.90 -6.57 7.12
CA ARG F 16 12.41 -5.99 8.35
C ARG F 16 13.53 -5.25 9.06
N ARG F 17 13.16 -4.15 9.72
CA ARG F 17 14.13 -3.42 10.53
C ARG F 17 14.62 -4.30 11.67
N GLY F 18 15.94 -4.42 11.81
CA GLY F 18 16.54 -5.33 12.75
C GLY F 18 17.08 -6.61 12.15
N ASP F 19 16.76 -6.89 10.89
CA ASP F 19 17.33 -8.04 10.21
C ASP F 19 18.82 -7.85 9.96
N VAL F 20 19.54 -8.96 9.87
CA VAL F 20 20.94 -8.97 9.49
C VAL F 20 21.05 -9.64 8.13
N TYR F 21 21.61 -8.92 7.16
CA TYR F 21 21.82 -9.45 5.82
C TYR F 21 23.31 -9.45 5.50
N LEU F 22 23.70 -10.36 4.61
CA LEU F 22 25.04 -10.35 4.04
C LEU F 22 24.99 -9.47 2.80
N ALA F 23 25.69 -8.34 2.83
CA ALA F 23 25.64 -7.38 1.73
C ALA F 23 27.06 -7.03 1.28
N ASP F 24 27.18 -6.68 0.00
CA ASP F 24 28.45 -6.31 -0.60
C ASP F 24 28.58 -4.79 -0.56
N LEU F 25 29.47 -4.28 0.29
CA LEU F 25 29.66 -2.85 0.45
C LEU F 25 30.75 -2.28 -0.45
N SER F 26 31.53 -3.13 -1.11
CA SER F 26 32.59 -2.65 -1.98
C SER F 26 31.99 -1.99 -3.23
N PRO F 27 32.70 -1.01 -3.82
CA PRO F 27 33.97 -0.44 -3.36
C PRO F 27 33.79 0.72 -2.39
N VAL F 28 34.78 0.94 -1.52
CA VAL F 28 34.76 2.04 -0.54
C VAL F 28 36.12 2.72 -0.56
N GLN F 29 36.17 3.90 0.06
CA GLN F 29 37.38 4.70 0.17
C GLN F 29 37.71 4.96 1.63
N GLY F 30 39.01 5.02 1.94
CA GLY F 30 39.43 5.48 3.24
C GLY F 30 38.97 4.57 4.37
N SER F 31 38.50 5.19 5.45
CA SER F 31 38.08 4.45 6.63
C SER F 31 36.66 3.91 6.52
N GLU F 32 36.01 4.09 5.38
CA GLU F 32 34.68 3.52 5.18
C GLU F 32 34.73 2.01 5.25
N GLN F 33 33.71 1.41 5.85
CA GLN F 33 33.63 -0.04 5.96
C GLN F 33 33.24 -0.65 4.62
N GLY F 34 34.04 -1.62 4.17
CA GLY F 34 33.81 -2.20 2.85
C GLY F 34 33.77 -3.71 2.81
N GLY F 35 33.81 -4.27 1.61
CA GLY F 35 33.74 -5.71 1.43
C GLY F 35 32.33 -6.25 1.67
N VAL F 36 32.25 -7.57 1.62
CA VAL F 36 30.99 -8.28 1.89
C VAL F 36 30.93 -8.56 3.38
N ARG F 37 29.92 -8.01 4.05
CA ARG F 37 29.86 -8.03 5.50
C ARG F 37 28.42 -8.22 5.96
N PRO F 38 28.24 -8.69 7.20
CA PRO F 38 26.90 -8.61 7.82
C PRO F 38 26.53 -7.17 8.08
N VAL F 39 25.25 -6.85 7.88
CA VAL F 39 24.74 -5.50 8.03
C VAL F 39 23.35 -5.56 8.65
N VAL F 40 23.03 -4.58 9.50
CA VAL F 40 21.75 -4.50 10.19
C VAL F 40 20.88 -3.49 9.48
N ILE F 41 19.65 -3.90 9.12
CA ILE F 41 18.68 -2.97 8.57
C ILE F 41 18.24 -2.02 9.68
N ILE F 42 18.50 -0.72 9.49
CA ILE F 42 18.05 0.30 10.43
C ILE F 42 17.00 1.23 9.86
N GLN F 43 16.66 1.09 8.57
CA GLN F 43 15.56 1.87 8.00
C GLN F 43 14.22 1.36 8.52
N ASN F 44 13.25 2.28 8.64
CA ASN F 44 11.89 1.95 9.03
C ASN F 44 11.30 0.88 8.12
N ASP F 45 10.29 0.15 8.62
CA ASP F 45 9.78 -0.99 7.88
C ASP F 45 8.95 -0.58 6.66
N THR F 46 8.37 0.62 6.66
CA THR F 46 7.61 1.07 5.50
C THR F 46 8.54 1.33 4.32
N GLY F 47 9.69 1.97 4.56
CA GLY F 47 10.68 2.07 3.51
C GLY F 47 11.24 0.72 3.10
N ASN F 48 11.45 -0.16 4.08
CA ASN F 48 11.95 -1.50 3.76
C ASN F 48 11.02 -2.24 2.83
N LYS F 49 9.71 -2.00 2.93
CA LYS F 49 8.75 -2.75 2.14
C LYS F 49 8.61 -2.20 0.73
N TYR F 50 8.75 -0.89 0.55
CA TYR F 50 8.42 -0.25 -0.72
C TYR F 50 9.61 0.39 -1.42
N SER F 51 10.52 1.02 -0.69
CA SER F 51 11.61 1.75 -1.33
C SER F 51 12.54 0.80 -2.09
N PRO F 52 13.22 1.29 -3.12
CA PRO F 52 14.26 0.49 -3.78
C PRO F 52 15.56 0.40 -3.01
N THR F 53 15.69 1.09 -1.88
CA THR F 53 16.90 1.06 -1.08
C THR F 53 16.57 0.77 0.37
N VAL F 54 17.57 0.27 1.10
CA VAL F 54 17.51 0.11 2.54
C VAL F 54 18.67 0.88 3.16
N ILE F 55 18.51 1.25 4.42
CA ILE F 55 19.56 1.89 5.20
C ILE F 55 20.08 0.88 6.21
N VAL F 56 21.40 0.74 6.25
CA VAL F 56 22.04 -0.36 6.97
C VAL F 56 23.17 0.19 7.83
N ALA F 57 23.50 -0.57 8.88
CA ALA F 57 24.66 -0.28 9.73
C ALA F 57 25.61 -1.46 9.66
N ALA F 58 26.90 -1.17 9.44
CA ALA F 58 27.89 -2.21 9.21
C ALA F 58 28.23 -2.96 10.49
N ILE F 59 28.60 -4.22 10.34
CA ILE F 59 29.00 -5.10 11.44
C ILE F 59 30.41 -5.57 11.19
N THR F 60 31.25 -5.51 12.21
CA THR F 60 32.61 -6.02 12.15
C THR F 60 32.83 -6.99 13.31
N GLY F 61 33.49 -8.10 13.01
CA GLY F 61 33.98 -8.99 14.04
C GLY F 61 35.40 -8.70 14.45
N ARG F 62 35.99 -7.63 13.90
CA ARG F 62 37.37 -7.29 14.20
C ARG F 62 37.51 -6.52 15.50
N ILE F 63 36.55 -5.68 15.84
CA ILE F 63 36.50 -5.09 17.18
C ILE F 63 36.10 -6.18 18.17
N ASN F 64 36.93 -6.37 19.20
CA ASN F 64 36.67 -7.42 20.17
C ASN F 64 35.47 -7.09 21.05
N LYS F 65 35.28 -5.82 21.40
CA LYS F 65 34.22 -5.42 22.30
C LYS F 65 33.80 -3.99 22.01
N ALA F 66 32.53 -3.70 22.28
CA ALA F 66 31.95 -2.39 22.01
C ALA F 66 32.79 -1.26 22.60
N LYS F 67 33.58 -0.60 21.74
CA LYS F 67 34.50 0.43 22.18
C LYS F 67 33.78 1.69 22.62
N ILE F 68 33.30 2.47 21.65
CA ILE F 68 32.68 3.77 21.91
C ILE F 68 31.17 3.60 22.04
N PRO F 69 30.41 4.61 22.48
CA PRO F 69 28.96 4.42 22.64
C PRO F 69 28.19 4.27 21.34
N THR F 70 28.79 4.52 20.18
CA THR F 70 28.13 4.26 18.91
C THR F 70 28.38 2.86 18.40
N HIS F 71 29.00 2.00 19.22
CA HIS F 71 29.19 0.60 18.90
C HIS F 71 28.27 -0.24 19.78
N VAL F 72 27.73 -1.31 19.20
CA VAL F 72 26.87 -2.25 19.92
C VAL F 72 27.41 -3.65 19.69
N GLU F 73 27.77 -4.33 20.78
CA GLU F 73 28.28 -5.70 20.68
C GLU F 73 27.14 -6.65 20.32
N ILE F 74 27.50 -7.80 19.74
CA ILE F 74 26.53 -8.80 19.31
C ILE F 74 27.08 -10.16 19.71
N GLU F 75 26.28 -10.93 20.46
CA GLU F 75 26.69 -12.26 20.87
C GLU F 75 26.59 -13.24 19.70
N LYS F 76 27.47 -14.24 19.71
CA LYS F 76 27.58 -15.15 18.57
C LYS F 76 26.49 -16.22 18.59
N LYS F 77 26.12 -16.70 19.78
CA LYS F 77 25.19 -17.82 19.86
C LYS F 77 23.77 -17.41 19.48
N LYS F 78 23.28 -16.31 20.05
CA LYS F 78 21.90 -15.91 19.82
C LYS F 78 21.67 -15.55 18.36
N TYR F 79 22.60 -14.77 17.77
CA TYR F 79 22.53 -14.39 16.36
C TYR F 79 23.70 -15.07 15.65
N LYS F 80 23.37 -16.06 14.82
CA LYS F 80 24.37 -16.92 14.17
C LYS F 80 25.49 -16.13 13.50
N LEU F 81 26.68 -16.17 14.10
CA LEU F 81 27.85 -15.50 13.55
C LEU F 81 29.08 -16.37 13.83
N ASP F 82 30.17 -16.04 13.15
CA ASP F 82 31.42 -16.77 13.32
C ASP F 82 32.22 -16.28 14.52
N LYS F 83 31.85 -15.16 15.12
CA LYS F 83 32.60 -14.60 16.25
C LYS F 83 31.70 -13.61 16.98
N ASP F 84 32.22 -13.12 18.10
CA ASP F 84 31.57 -12.03 18.84
C ASP F 84 31.91 -10.73 18.13
N SER F 85 30.93 -10.16 17.43
CA SER F 85 31.13 -9.01 16.56
C SER F 85 30.56 -7.76 17.22
N VAL F 86 30.65 -6.64 16.49
CA VAL F 86 30.22 -5.34 16.99
C VAL F 86 29.55 -4.58 15.86
N ILE F 87 28.39 -3.99 16.15
CA ILE F 87 27.68 -3.15 15.19
C ILE F 87 28.27 -1.75 15.23
N LEU F 88 28.40 -1.12 14.06
CA LEU F 88 29.04 0.18 13.92
C LEU F 88 27.98 1.20 13.51
N LEU F 89 27.44 1.92 14.49
CA LEU F 89 26.42 2.91 14.19
C LEU F 89 26.99 4.24 13.70
N GLU F 90 28.32 4.35 13.60
CA GLU F 90 28.92 5.45 12.85
C GLU F 90 29.19 5.07 11.40
N GLN F 91 29.04 3.79 11.07
CA GLN F 91 29.27 3.26 9.72
C GLN F 91 27.93 2.82 9.15
N ILE F 92 27.20 3.77 8.58
CA ILE F 92 25.88 3.49 8.03
C ILE F 92 25.84 3.97 6.59
N ARG F 93 24.97 3.34 5.80
CA ARG F 93 24.82 3.76 4.41
C ARG F 93 23.54 3.20 3.82
N THR F 94 23.11 3.82 2.73
CA THR F 94 21.91 3.43 2.00
C THR F 94 22.31 2.57 0.82
N LEU F 95 21.74 1.37 0.75
CA LEU F 95 22.10 0.39 -0.27
C LEU F 95 20.90 0.06 -1.14
N ASP F 96 21.11 0.01 -2.45
CA ASP F 96 20.12 -0.59 -3.33
C ASP F 96 19.91 -2.04 -2.93
N LYS F 97 18.65 -2.47 -2.90
CA LYS F 97 18.33 -3.82 -2.45
C LYS F 97 19.04 -4.89 -3.25
N LYS F 98 19.57 -4.56 -4.42
CA LYS F 98 20.36 -5.52 -5.20
C LYS F 98 21.64 -5.91 -4.48
N ARG F 99 22.09 -5.11 -3.50
CA ARG F 99 23.29 -5.41 -2.75
C ARG F 99 23.11 -6.55 -1.75
N LEU F 100 21.87 -6.78 -1.29
CA LEU F 100 21.63 -7.79 -0.27
C LEU F 100 21.74 -9.18 -0.87
N LYS F 101 22.60 -10.02 -0.30
CA LYS F 101 22.89 -11.35 -0.82
C LYS F 101 22.09 -12.43 -0.11
N GLU F 102 22.06 -12.43 1.21
CA GLU F 102 21.36 -13.45 1.96
C GLU F 102 21.02 -12.91 3.34
N LYS F 103 19.86 -13.31 3.86
CA LYS F 103 19.50 -12.98 5.22
C LYS F 103 20.18 -13.93 6.18
N LEU F 104 20.72 -13.38 7.26
CA LEU F 104 21.44 -14.18 8.23
C LEU F 104 20.56 -14.47 9.44
N THR F 105 20.26 -13.44 10.23
CA THR F 105 19.39 -13.57 11.39
C THR F 105 18.62 -12.26 11.54
N TYR F 106 18.07 -12.03 12.73
CA TYR F 106 17.54 -10.74 13.12
C TYR F 106 17.90 -10.50 14.57
N LEU F 107 17.95 -9.24 14.96
CA LEU F 107 18.32 -8.88 16.31
C LEU F 107 17.13 -8.96 17.25
N SER F 108 17.41 -9.29 18.50
CA SER F 108 16.36 -9.34 19.52
C SER F 108 15.85 -7.93 19.81
N ASP F 109 14.70 -7.89 20.49
CA ASP F 109 14.15 -6.60 20.92
C ASP F 109 15.12 -5.85 21.82
N ASP F 110 16.01 -6.58 22.52
CA ASP F 110 16.94 -5.96 23.45
C ASP F 110 18.08 -5.25 22.72
N LYS F 111 18.83 -5.99 21.89
CA LYS F 111 19.96 -5.40 21.19
C LYS F 111 19.51 -4.32 20.22
N MET F 112 18.34 -4.47 19.60
CA MET F 112 17.82 -3.43 18.74
C MET F 112 17.55 -2.14 19.50
N LYS F 113 17.17 -2.26 20.79
CA LYS F 113 17.05 -1.05 21.61
C LYS F 113 18.40 -0.40 21.83
N GLU F 114 19.47 -1.20 21.97
CA GLU F 114 20.81 -0.65 22.05
C GLU F 114 21.24 -0.03 20.73
N VAL F 115 20.86 -0.67 19.61
CA VAL F 115 21.09 -0.07 18.30
C VAL F 115 20.44 1.29 18.22
N ASP F 116 19.17 1.37 18.65
CA ASP F 116 18.44 2.63 18.62
C ASP F 116 19.16 3.72 19.40
N ASN F 117 19.64 3.37 20.60
CA ASN F 117 20.32 4.35 21.43
C ASN F 117 21.64 4.79 20.81
N ALA F 118 22.41 3.84 20.24
CA ALA F 118 23.66 4.20 19.59
C ALA F 118 23.43 5.05 18.36
N LEU F 119 22.32 4.84 17.66
CA LEU F 119 21.99 5.66 16.50
C LEU F 119 21.65 7.09 16.91
N MET F 120 20.94 7.24 18.04
CA MET F 120 20.63 8.58 18.53
C MET F 120 21.90 9.38 18.81
N ILE F 121 22.90 8.73 19.41
CA ILE F 121 24.15 9.43 19.71
C ILE F 121 24.93 9.71 18.43
N SER F 122 25.03 8.70 17.56
CA SER F 122 25.79 8.85 16.31
C SER F 122 25.31 10.05 15.51
N LEU F 123 23.99 10.22 15.39
CA LEU F 123 23.41 11.27 14.58
C LEU F 123 23.02 12.50 15.38
N GLY F 124 23.49 12.61 16.62
CA GLY F 124 23.19 13.79 17.42
C GLY F 124 21.70 14.04 17.61
N LEU F 125 20.92 12.98 17.84
CA LEU F 125 19.49 13.08 18.03
C LEU F 125 19.07 12.98 19.49
N ASN F 126 20.04 12.98 20.41
CA ASN F 126 19.82 12.88 21.86
C ASN F 126 19.35 11.50 22.29
N GLN G 1 24.84 -12.40 -25.99
CA GLN G 1 24.73 -11.08 -25.39
C GLN G 1 23.37 -10.88 -24.74
N VAL G 2 23.27 -9.87 -23.89
CA VAL G 2 22.04 -9.61 -23.14
C VAL G 2 21.08 -8.82 -24.01
N GLN G 3 19.84 -9.31 -24.12
CA GLN G 3 18.82 -8.65 -24.91
C GLN G 3 17.50 -8.67 -24.17
N LEU G 4 16.80 -7.53 -24.21
CA LEU G 4 15.43 -7.40 -23.72
C LEU G 4 14.60 -6.87 -24.87
N GLN G 5 13.95 -7.76 -25.62
CA GLN G 5 13.18 -7.40 -26.79
CA GLN G 5 13.18 -7.40 -26.79
C GLN G 5 11.70 -7.32 -26.42
N GLU G 6 11.12 -6.14 -26.60
CA GLU G 6 9.72 -5.90 -26.27
C GLU G 6 8.87 -5.85 -27.52
N SER G 7 7.60 -6.21 -27.36
CA SER G 7 6.61 -6.17 -28.43
C SER G 7 5.26 -5.88 -27.82
N GLY G 8 4.22 -5.91 -28.65
CA GLY G 8 2.85 -5.81 -28.18
C GLY G 8 2.28 -4.40 -28.12
N GLY G 9 3.11 -3.38 -28.34
CA GLY G 9 2.59 -2.03 -28.36
C GLY G 9 1.82 -1.72 -29.63
N GLY G 10 0.98 -0.71 -29.55
CA GLY G 10 0.20 -0.31 -30.71
C GLY G 10 -0.70 0.87 -30.37
N LEU G 11 -1.52 1.24 -31.34
CA LEU G 11 -2.49 2.32 -31.18
C LEU G 11 -3.82 1.74 -30.69
N VAL G 12 -4.42 2.40 -29.71
CA VAL G 12 -5.69 1.96 -29.17
C VAL G 12 -6.51 3.19 -28.80
N GLN G 13 -7.83 3.03 -28.80
CA GLN G 13 -8.74 4.08 -28.35
C GLN G 13 -8.77 4.14 -26.83
N PRO G 14 -9.22 5.26 -26.25
CA PRO G 14 -9.40 5.32 -24.80
C PRO G 14 -10.32 4.20 -24.33
N GLY G 15 -9.96 3.59 -23.20
CA GLY G 15 -10.69 2.46 -22.67
C GLY G 15 -10.29 1.12 -23.25
N GLY G 16 -9.41 1.09 -24.25
CA GLY G 16 -8.97 -0.15 -24.83
C GLY G 16 -7.97 -0.88 -23.96
N SER G 17 -7.36 -1.91 -24.53
CA SER G 17 -6.43 -2.73 -23.78
C SER G 17 -5.29 -3.18 -24.68
N LEU G 18 -4.16 -3.52 -24.05
CA LEU G 18 -2.98 -4.02 -24.74
C LEU G 18 -2.22 -4.95 -23.80
N ARG G 19 -1.46 -5.88 -24.39
CA ARG G 19 -0.57 -6.75 -23.63
C ARG G 19 0.84 -6.58 -24.20
N LEU G 20 1.73 -5.99 -23.41
CA LEU G 20 3.13 -5.84 -23.80
C LEU G 20 3.91 -7.05 -23.34
N SER G 21 4.90 -7.43 -24.14
CA SER G 21 5.76 -8.56 -23.84
C SER G 21 7.21 -8.11 -23.92
N CYS G 22 8.06 -8.67 -23.06
CA CYS G 22 9.49 -8.37 -23.03
C CYS G 22 10.23 -9.69 -22.90
N ALA G 23 10.80 -10.16 -24.01
CA ALA G 23 11.50 -11.44 -24.05
C ALA G 23 12.97 -11.22 -23.70
N ALA G 24 13.46 -11.96 -22.71
CA ALA G 24 14.81 -11.81 -22.23
C ALA G 24 15.70 -12.95 -22.71
N SER G 25 16.98 -12.64 -22.90
CA SER G 25 17.95 -13.64 -23.34
C SER G 25 19.34 -13.14 -22.98
N GLY G 26 20.28 -14.08 -22.92
CA GLY G 26 21.66 -13.75 -22.63
C GLY G 26 21.98 -13.59 -21.15
N PHE G 27 21.05 -13.90 -20.25
CA PHE G 27 21.30 -13.81 -18.82
C PHE G 27 20.24 -14.62 -18.10
N THR G 28 20.52 -14.96 -16.85
CA THR G 28 19.60 -15.76 -16.04
C THR G 28 18.42 -14.90 -15.64
N PHE G 29 17.32 -15.02 -16.38
CA PHE G 29 16.17 -14.13 -16.22
C PHE G 29 15.52 -14.29 -14.86
N SER G 30 15.45 -15.53 -14.35
CA SER G 30 14.79 -15.78 -13.08
C SER G 30 15.56 -15.21 -11.89
N SER G 31 16.77 -14.69 -12.08
CA SER G 31 17.55 -14.11 -11.00
C SER G 31 17.33 -12.61 -10.84
N TYR G 32 16.57 -11.99 -11.73
CA TYR G 32 16.43 -10.54 -11.78
C TYR G 32 15.00 -10.12 -11.50
N ALA G 33 14.85 -9.04 -10.73
CA ALA G 33 13.58 -8.35 -10.64
C ALA G 33 13.40 -7.49 -11.89
N MET G 34 12.19 -7.48 -12.43
CA MET G 34 11.92 -6.79 -13.68
C MET G 34 11.01 -5.59 -13.44
N SER G 35 11.18 -4.58 -14.28
CA SER G 35 10.45 -3.33 -14.16
C SER G 35 9.88 -2.94 -15.51
N TRP G 36 8.75 -2.24 -15.50
CA TRP G 36 8.30 -1.47 -16.65
C TRP G 36 8.44 0.01 -16.34
N VAL G 37 9.02 0.76 -17.27
CA VAL G 37 9.25 2.18 -17.14
C VAL G 37 8.85 2.83 -18.47
N ARG G 38 8.07 3.91 -18.40
CA ARG G 38 7.56 4.55 -19.61
C ARG G 38 8.07 5.98 -19.71
N GLN G 39 8.12 6.48 -20.94
CA GLN G 39 8.55 7.85 -21.22
C GLN G 39 7.58 8.49 -22.19
N ALA G 40 6.84 9.49 -21.72
CA ALA G 40 5.96 10.27 -22.57
C ALA G 40 6.77 11.32 -23.31
N PRO G 41 6.24 11.85 -24.42
CA PRO G 41 6.97 12.87 -25.18
C PRO G 41 7.33 14.08 -24.33
N GLY G 42 8.63 14.39 -24.29
CA GLY G 42 9.10 15.55 -23.56
C GLY G 42 9.20 15.38 -22.07
N LYS G 43 9.10 14.16 -21.56
CA LYS G 43 9.12 13.90 -20.13
C LYS G 43 10.27 12.95 -19.80
N GLY G 44 10.52 12.80 -18.50
CA GLY G 44 11.50 11.84 -18.03
C GLY G 44 10.93 10.44 -17.97
N LEU G 45 11.73 9.53 -17.43
CA LEU G 45 11.32 8.14 -17.29
C LEU G 45 10.45 7.99 -16.04
N GLU G 46 9.24 7.49 -16.23
CA GLU G 46 8.32 7.24 -15.12
C GLU G 46 8.22 5.74 -14.87
N TRP G 47 8.62 5.32 -13.68
CA TRP G 47 8.45 3.92 -13.30
C TRP G 47 6.97 3.56 -13.28
N VAL G 48 6.66 2.34 -13.71
CA VAL G 48 5.28 1.88 -13.85
C VAL G 48 4.97 0.71 -12.92
N SER G 49 5.81 -0.32 -12.95
CA SER G 49 5.49 -1.53 -12.20
C SER G 49 6.74 -2.37 -12.03
N ASP G 50 6.83 -3.06 -10.90
CA ASP G 50 7.90 -4.00 -10.62
C ASP G 50 7.33 -5.38 -10.34
N ILE G 51 8.14 -6.40 -10.61
CA ILE G 51 7.87 -7.77 -10.18
C ILE G 51 9.17 -8.39 -9.72
N ASN G 52 9.16 -9.03 -8.56
CA ASN G 52 10.39 -9.61 -8.05
C ASN G 52 10.76 -10.84 -8.87
N SER G 53 11.96 -11.36 -8.61
CA SER G 53 12.51 -12.44 -9.43
C SER G 53 11.57 -13.64 -9.48
N GLY G 54 10.89 -13.92 -8.37
CA GLY G 54 10.02 -15.09 -8.28
C GLY G 54 8.59 -14.85 -8.70
N GLY G 55 8.18 -13.59 -8.75
CA GLY G 55 6.84 -13.23 -9.17
C GLY G 55 5.81 -13.13 -8.06
N GLY G 56 6.19 -13.38 -6.81
CA GLY G 56 5.23 -13.30 -5.72
C GLY G 56 4.88 -11.90 -5.31
N SER G 57 5.75 -10.93 -5.59
CA SER G 57 5.57 -9.55 -5.16
C SER G 57 5.52 -8.64 -6.37
N THR G 58 4.50 -7.79 -6.43
CA THR G 58 4.36 -6.79 -7.49
C THR G 58 4.10 -5.43 -6.87
N TYR G 59 4.53 -4.40 -7.57
CA TYR G 59 4.38 -3.01 -7.13
C TYR G 59 3.96 -2.17 -8.32
N TYR G 60 3.18 -1.13 -8.05
CA TYR G 60 2.60 -0.32 -9.11
C TYR G 60 2.66 1.15 -8.73
N ALA G 61 2.88 2.01 -9.73
CA ALA G 61 2.69 3.43 -9.53
C ALA G 61 1.22 3.71 -9.24
N ASP G 62 0.96 4.76 -8.45
CA ASP G 62 -0.41 5.11 -8.10
C ASP G 62 -1.26 5.33 -9.35
N SER G 63 -0.66 5.83 -10.42
CA SER G 63 -1.42 6.20 -11.61
C SER G 63 -1.84 5.00 -12.45
N VAL G 64 -1.20 3.85 -12.28
CA VAL G 64 -1.54 2.66 -13.05
C VAL G 64 -2.08 1.54 -12.18
N LYS G 65 -1.99 1.65 -10.86
CA LYS G 65 -2.49 0.64 -9.95
C LYS G 65 -3.94 0.29 -10.26
N GLY G 66 -4.23 -1.01 -10.38
CA GLY G 66 -5.55 -1.51 -10.71
C GLY G 66 -5.83 -1.61 -12.20
N ARG G 67 -5.31 -0.67 -13.00
CA ARG G 67 -5.49 -0.72 -14.44
C ARG G 67 -4.48 -1.61 -15.13
N PHE G 68 -3.26 -1.70 -14.61
CA PHE G 68 -2.22 -2.53 -15.19
C PHE G 68 -1.95 -3.73 -14.30
N THR G 69 -1.54 -4.83 -14.92
CA THR G 69 -1.13 -6.03 -14.21
C THR G 69 0.18 -6.53 -14.80
N ILE G 70 1.21 -6.63 -13.96
CA ILE G 70 2.50 -7.14 -14.38
C ILE G 70 2.58 -8.62 -14.03
N SER G 71 3.28 -9.37 -14.86
CA SER G 71 3.49 -10.80 -14.61
C SER G 71 4.73 -11.25 -15.36
N ARG G 72 5.19 -12.46 -15.05
CA ARG G 72 6.35 -13.02 -15.70
C ARG G 72 6.18 -14.53 -15.85
N ASP G 73 6.72 -15.06 -16.94
CA ASP G 73 6.76 -16.50 -17.19
C ASP G 73 8.24 -16.88 -17.20
N ASN G 74 8.73 -17.38 -16.06
CA ASN G 74 10.15 -17.72 -15.93
C ASN G 74 10.54 -18.93 -16.79
N ALA G 75 9.58 -19.72 -17.25
CA ALA G 75 9.90 -20.81 -18.15
C ALA G 75 10.14 -20.32 -19.57
N LYS G 76 9.43 -19.27 -19.99
CA LYS G 76 9.62 -18.68 -21.30
C LYS G 76 10.59 -17.50 -21.28
N ASN G 77 11.11 -17.14 -20.11
CA ASN G 77 12.00 -15.98 -19.96
C ASN G 77 11.35 -14.72 -20.54
N THR G 78 10.12 -14.46 -20.14
CA THR G 78 9.34 -13.37 -20.72
C THR G 78 8.61 -12.59 -19.64
N LEU G 79 8.62 -11.27 -19.77
CA LEU G 79 7.91 -10.36 -18.90
C LEU G 79 6.70 -9.79 -19.63
N TYR G 80 5.61 -9.57 -18.90
CA TYR G 80 4.37 -9.11 -19.49
C TYR G 80 3.84 -7.90 -18.73
N LEU G 81 3.08 -7.07 -19.43
CA LEU G 81 2.32 -5.98 -18.82
C LEU G 81 0.94 -5.97 -19.45
N GLN G 82 -0.07 -6.34 -18.67
CA GLN G 82 -1.46 -6.28 -19.13
C GLN G 82 -2.00 -4.89 -18.83
N MET G 83 -2.41 -4.17 -19.87
CA MET G 83 -2.86 -2.80 -19.74
C MET G 83 -4.35 -2.73 -20.06
N ASN G 84 -5.17 -2.41 -19.07
CA ASN G 84 -6.60 -2.21 -19.25
C ASN G 84 -6.95 -0.78 -18.88
N SER G 85 -8.16 -0.36 -19.26
CA SER G 85 -8.68 0.97 -18.96
C SER G 85 -7.69 2.06 -19.39
N LEU G 86 -7.20 1.93 -20.62
CA LEU G 86 -6.15 2.82 -21.11
C LEU G 86 -6.69 4.24 -21.28
N LYS G 87 -5.79 5.20 -21.11
CA LYS G 87 -6.12 6.62 -21.13
C LYS G 87 -5.07 7.36 -21.96
N PRO G 88 -5.46 8.47 -22.60
CA PRO G 88 -4.47 9.22 -23.40
C PRO G 88 -3.21 9.58 -22.61
N GLU G 89 -3.32 9.64 -21.28
CA GLU G 89 -2.18 9.91 -20.43
C GLU G 89 -1.23 8.72 -20.33
N ASP G 90 -1.66 7.54 -20.78
CA ASP G 90 -0.78 6.37 -20.84
C ASP G 90 0.09 6.34 -22.09
N THR G 91 -0.13 7.27 -23.02
CA THR G 91 0.67 7.32 -24.23
C THR G 91 2.13 7.58 -23.89
N ALA G 92 3.01 6.69 -24.30
CA ALA G 92 4.43 6.73 -23.98
C ALA G 92 5.11 5.57 -24.70
N VAL G 93 6.44 5.59 -24.66
CA VAL G 93 7.23 4.40 -24.98
C VAL G 93 7.47 3.63 -23.69
N TYR G 94 7.23 2.33 -23.72
CA TYR G 94 7.30 1.49 -22.53
C TYR G 94 8.52 0.59 -22.62
N TYR G 95 9.41 0.68 -21.64
CA TYR G 95 10.62 -0.13 -21.58
C TYR G 95 10.52 -1.14 -20.44
N CYS G 96 11.15 -2.30 -20.64
CA CYS G 96 11.42 -3.22 -19.55
C CYS G 96 12.87 -3.09 -19.13
N ALA G 97 13.12 -3.25 -17.83
CA ALA G 97 14.45 -3.13 -17.26
C ALA G 97 14.62 -4.18 -16.17
N ALA G 98 15.86 -4.65 -16.02
CA ALA G 98 16.20 -5.72 -15.08
C ALA G 98 17.14 -5.19 -14.00
N LYS G 99 16.96 -5.67 -12.78
CA LYS G 99 17.84 -5.35 -11.66
C LYS G 99 18.07 -6.62 -10.86
N GLU G 100 19.34 -7.00 -10.69
CA GLU G 100 19.69 -8.28 -10.09
C GLU G 100 19.33 -8.29 -8.60
N GLY G 101 19.41 -9.47 -8.00
CA GLY G 101 19.25 -9.61 -6.57
C GLY G 101 17.94 -10.23 -6.15
N PRO G 102 17.99 -11.17 -5.20
CA PRO G 102 16.75 -11.84 -4.77
C PRO G 102 15.83 -10.94 -3.94
N TYR G 103 16.33 -9.81 -3.45
CA TYR G 103 15.51 -8.88 -2.67
C TYR G 103 15.13 -7.64 -3.45
N SER G 104 15.57 -7.53 -4.71
CA SER G 104 15.15 -6.43 -5.56
C SER G 104 13.69 -6.60 -5.98
N GLY G 105 13.12 -5.52 -6.49
CA GLY G 105 11.70 -5.48 -6.79
C GLY G 105 11.00 -4.60 -5.76
N SER G 106 10.55 -3.42 -6.18
CA SER G 106 10.12 -2.43 -5.21
C SER G 106 9.27 -1.36 -5.88
N TYR G 107 8.64 -0.57 -5.03
CA TYR G 107 7.93 0.64 -5.45
C TYR G 107 8.92 1.79 -5.60
N TYR G 108 8.87 2.49 -6.74
CA TYR G 108 9.72 3.65 -6.97
C TYR G 108 8.89 4.92 -6.86
N TYR G 109 9.41 5.89 -6.11
CA TYR G 109 8.71 7.14 -5.88
C TYR G 109 9.45 8.36 -6.43
N MET G 110 10.64 8.17 -6.99
CA MET G 110 11.44 9.21 -7.61
C MET G 110 11.41 9.05 -9.11
N PRO G 111 11.76 10.09 -9.87
CA PRO G 111 12.06 9.89 -11.28
C PRO G 111 13.19 8.89 -11.42
N VAL G 112 13.16 8.12 -12.51
CA VAL G 112 14.07 7.02 -12.71
C VAL G 112 15.07 7.39 -13.81
N PHE G 113 16.24 6.76 -13.76
CA PHE G 113 17.27 7.00 -14.76
C PHE G 113 17.85 5.67 -15.24
N ARG G 114 18.45 5.73 -16.44
CA ARG G 114 18.92 4.51 -17.09
C ARG G 114 19.93 3.75 -16.25
N ASP G 115 20.84 4.47 -15.60
CA ASP G 115 21.93 3.80 -14.88
C ASP G 115 21.44 3.11 -13.61
N GLU G 116 20.22 3.41 -13.15
CA GLU G 116 19.71 2.79 -11.94
C GLU G 116 19.43 1.30 -12.12
N TYR G 117 19.30 0.83 -13.36
CA TYR G 117 19.02 -0.57 -13.63
C TYR G 117 20.20 -1.23 -14.30
N ASP G 118 20.24 -2.57 -14.22
CA ASP G 118 21.33 -3.33 -14.84
C ASP G 118 21.15 -3.41 -16.35
N TYR G 119 20.00 -3.89 -16.80
CA TYR G 119 19.75 -4.11 -18.22
C TYR G 119 18.49 -3.37 -18.65
N TRP G 120 18.51 -2.91 -19.90
CA TRP G 120 17.42 -2.13 -20.47
C TRP G 120 17.00 -2.71 -21.81
N GLY G 121 15.72 -2.53 -22.13
CA GLY G 121 15.19 -2.93 -23.42
C GLY G 121 15.08 -1.75 -24.37
N GLN G 122 14.72 -2.07 -25.62
CA GLN G 122 14.66 -1.07 -26.68
C GLN G 122 13.37 -0.27 -26.66
N GLY G 123 12.33 -0.75 -25.98
CA GLY G 123 11.09 -0.02 -25.87
C GLY G 123 10.06 -0.48 -26.89
N THR G 124 8.79 -0.29 -26.54
CA THR G 124 7.68 -0.49 -27.46
C THR G 124 6.72 0.69 -27.32
N GLN G 125 6.10 1.07 -28.43
CA GLN G 125 5.28 2.27 -28.47
C GLN G 125 3.84 1.95 -28.11
N VAL G 126 3.26 2.77 -27.23
CA VAL G 126 1.86 2.66 -26.85
C VAL G 126 1.20 4.02 -27.04
N THR G 127 0.24 4.10 -27.94
CA THR G 127 -0.51 5.32 -28.20
C THR G 127 -1.97 5.09 -27.86
N VAL G 128 -2.56 6.03 -27.12
CA VAL G 128 -3.97 5.96 -26.74
C VAL G 128 -4.64 7.24 -27.24
N SER G 129 -5.45 7.11 -28.29
CA SER G 129 -6.05 8.27 -28.92
C SER G 129 -7.31 7.84 -29.65
N SER G 130 -8.36 8.65 -29.55
CA SER G 130 -9.63 8.33 -30.20
C SER G 130 -9.53 8.39 -31.72
N HIS G 131 -8.55 9.11 -32.25
CA HIS G 131 -8.36 9.20 -33.70
C HIS G 131 -7.89 7.86 -34.26
N GLN H 1 55.38 2.55 -0.42
CA GLN H 1 55.52 3.11 -1.75
C GLN H 1 56.65 4.14 -1.81
N VAL H 2 57.24 4.31 -3.00
CA VAL H 2 58.32 5.28 -3.19
C VAL H 2 57.84 6.72 -3.08
N GLN H 3 56.53 6.94 -3.04
CA GLN H 3 56.01 8.29 -2.84
C GLN H 3 56.36 8.84 -1.45
N LEU H 4 56.65 7.97 -0.49
CA LEU H 4 56.89 8.37 0.90
C LEU H 4 58.06 7.56 1.44
N GLN H 5 59.19 8.22 1.67
CA GLN H 5 60.40 7.55 2.14
C GLN H 5 60.76 8.10 3.52
N GLU H 6 60.74 7.21 4.51
CA GLU H 6 61.03 7.58 5.90
C GLU H 6 62.52 7.43 6.17
N SER H 7 62.98 8.16 7.19
CA SER H 7 64.36 8.10 7.64
C SER H 7 64.43 8.66 9.05
N GLY H 8 65.54 8.39 9.73
CA GLY H 8 65.77 8.91 11.06
C GLY H 8 65.53 7.96 12.21
N GLY H 9 65.07 6.74 11.93
CA GLY H 9 64.92 5.77 13.00
C GLY H 9 66.24 5.11 13.35
N GLY H 10 66.22 4.35 14.44
CA GLY H 10 67.41 3.64 14.85
C GLY H 10 67.32 3.19 16.29
N LEU H 11 68.47 2.76 16.80
CA LEU H 11 68.57 2.26 18.16
C LEU H 11 68.66 3.43 19.14
N VAL H 12 67.88 3.35 20.21
CA VAL H 12 67.81 4.43 21.19
C VAL H 12 67.57 3.83 22.56
N GLN H 13 68.16 4.45 23.58
CA GLN H 13 67.96 4.04 24.97
C GLN H 13 66.62 4.57 25.47
N PRO H 14 66.05 3.94 26.51
CA PRO H 14 64.81 4.48 27.10
C PRO H 14 65.01 5.89 27.60
N GLY H 15 63.96 6.70 27.47
CA GLY H 15 64.06 8.10 27.79
C GLY H 15 64.81 8.95 26.78
N GLY H 16 65.36 8.34 25.73
CA GLY H 16 66.01 9.08 24.67
C GLY H 16 65.01 9.71 23.72
N SER H 17 65.53 10.22 22.60
CA SER H 17 64.69 10.92 21.64
C SER H 17 65.18 10.64 20.23
N LEU H 18 64.25 10.73 19.28
CA LEU H 18 64.53 10.58 17.86
C LEU H 18 63.64 11.54 17.08
N ARG H 19 64.10 11.93 15.89
CA ARG H 19 63.31 12.72 14.96
C ARG H 19 63.17 11.94 13.65
N LEU H 20 61.97 11.44 13.38
CA LEU H 20 61.71 10.77 12.12
C LEU H 20 61.39 11.79 11.03
N SER H 21 61.90 11.54 9.83
CA SER H 21 61.58 12.32 8.65
C SER H 21 60.85 11.44 7.65
N CYS H 22 59.98 12.07 6.86
CA CYS H 22 59.23 11.39 5.82
C CYS H 22 59.21 12.29 4.59
N ALA H 23 59.91 11.91 3.54
CA ALA H 23 60.03 12.71 2.33
C ALA H 23 59.00 12.26 1.29
N ALA H 24 58.21 13.20 0.79
CA ALA H 24 57.14 12.92 -0.16
C ALA H 24 57.57 13.29 -1.58
N SER H 25 57.15 12.48 -2.54
CA SER H 25 57.43 12.74 -3.94
C SER H 25 56.32 12.11 -4.78
N GLY H 26 55.95 12.78 -5.87
CA GLY H 26 55.01 12.22 -6.80
C GLY H 26 53.54 12.47 -6.49
N PHE H 27 53.23 13.32 -5.51
CA PHE H 27 51.86 13.73 -5.27
C PHE H 27 51.88 15.09 -4.59
N THR H 28 50.73 15.77 -4.60
CA THR H 28 50.62 17.14 -4.09
C THR H 28 50.58 17.10 -2.57
N PHE H 29 51.77 16.99 -1.99
CA PHE H 29 51.93 16.82 -0.55
C PHE H 29 51.08 17.81 0.26
N SER H 30 51.09 19.08 -0.16
CA SER H 30 50.48 20.14 0.65
C SER H 30 48.96 20.10 0.68
N SER H 31 48.32 19.24 -0.11
CA SER H 31 46.87 19.08 -0.06
C SER H 31 46.46 17.77 0.61
N TYR H 32 47.40 17.07 1.21
CA TYR H 32 47.16 15.77 1.84
C TYR H 32 47.36 15.87 3.33
N ALA H 33 46.41 15.34 4.10
CA ALA H 33 46.64 15.11 5.51
C ALA H 33 47.61 13.95 5.67
N MET H 34 48.50 14.05 6.64
CA MET H 34 49.54 13.05 6.83
C MET H 34 49.36 12.33 8.16
N SER H 35 49.76 11.07 8.18
CA SER H 35 49.64 10.23 9.36
C SER H 35 50.98 9.56 9.62
N TRP H 36 51.27 9.36 10.90
CA TRP H 36 52.24 8.36 11.32
C TRP H 36 51.48 7.20 11.94
N VAL H 37 51.83 5.99 11.51
CA VAL H 37 51.27 4.77 12.09
C VAL H 37 52.40 3.76 12.19
N ARG H 38 52.44 3.03 13.30
CA ARG H 38 53.53 2.10 13.57
C ARG H 38 52.99 0.69 13.64
N GLN H 39 53.90 -0.26 13.46
CA GLN H 39 53.58 -1.69 13.52
C GLN H 39 54.68 -2.39 14.31
N ALA H 40 54.34 -2.84 15.51
CA ALA H 40 55.25 -3.71 16.23
C ALA H 40 55.27 -5.08 15.56
N PRO H 41 56.39 -5.81 15.63
CA PRO H 41 56.47 -7.10 14.94
C PRO H 41 55.39 -8.05 15.42
N GLY H 42 54.72 -8.69 14.46
CA GLY H 42 53.62 -9.59 14.73
C GLY H 42 52.31 -8.91 15.07
N LYS H 43 52.30 -7.60 15.27
CA LYS H 43 51.09 -6.85 15.62
C LYS H 43 50.49 -6.19 14.38
N GLY H 44 49.32 -5.58 14.58
CA GLY H 44 48.67 -4.84 13.53
C GLY H 44 49.13 -3.39 13.50
N LEU H 45 48.55 -2.63 12.58
CA LEU H 45 48.90 -1.23 12.42
C LEU H 45 48.24 -0.40 13.52
N GLU H 46 49.06 0.37 14.25
CA GLU H 46 48.58 1.25 15.29
C GLU H 46 48.79 2.69 14.83
N TRP H 47 47.69 3.43 14.69
CA TRP H 47 47.79 4.85 14.34
C TRP H 47 48.45 5.63 15.46
N VAL H 48 49.32 6.57 15.09
CA VAL H 48 50.14 7.30 16.05
C VAL H 48 49.75 8.79 16.09
N SER H 49 49.66 9.43 14.93
CA SER H 49 49.44 10.86 14.91
C SER H 49 49.00 11.30 13.52
N ASP H 50 48.18 12.35 13.48
CA ASP H 50 47.71 12.94 12.23
C ASP H 50 48.00 14.43 12.24
N ILE H 51 48.14 14.99 11.03
CA ILE H 51 48.26 16.43 10.86
C ILE H 51 47.56 16.80 9.55
N ASN H 52 46.73 17.83 9.60
CA ASN H 52 46.02 18.24 8.40
C ASN H 52 46.99 18.79 7.36
N SER H 53 46.46 19.06 6.17
CA SER H 53 47.32 19.50 5.06
C SER H 53 48.01 20.82 5.39
N GLY H 54 47.30 21.76 5.99
CA GLY H 54 47.89 23.04 6.33
C GLY H 54 48.83 23.01 7.51
N GLY H 55 48.70 22.02 8.39
CA GLY H 55 49.59 21.86 9.51
C GLY H 55 49.12 22.45 10.82
N GLY H 56 47.97 23.12 10.82
CA GLY H 56 47.45 23.78 12.00
C GLY H 56 46.59 22.96 12.92
N SER H 57 46.36 21.69 12.58
CA SER H 57 45.57 20.80 13.42
C SER H 57 46.31 19.48 13.54
N THR H 58 46.55 19.03 14.78
CA THR H 58 47.25 17.79 15.04
C THR H 58 46.41 16.90 15.94
N TYR H 59 46.65 15.59 15.84
CA TYR H 59 45.91 14.59 16.58
C TYR H 59 46.87 13.48 17.00
N TYR H 60 46.70 12.97 18.22
CA TYR H 60 47.62 11.99 18.77
C TYR H 60 46.86 10.85 19.41
N ALA H 61 47.40 9.64 19.26
CA ALA H 61 46.93 8.53 20.08
C ALA H 61 47.23 8.81 21.55
N ASP H 62 46.38 8.27 22.43
CA ASP H 62 46.55 8.51 23.86
C ASP H 62 47.89 8.00 24.37
N SER H 63 48.41 6.94 23.75
CA SER H 63 49.65 6.33 24.21
C SER H 63 50.89 7.17 23.87
N VAL H 64 50.78 8.15 22.99
CA VAL H 64 51.93 8.95 22.57
C VAL H 64 51.72 10.44 22.80
N LYS H 65 50.52 10.88 23.19
CA LYS H 65 50.25 12.30 23.34
C LYS H 65 51.14 12.89 24.43
N GLY H 66 51.77 14.01 24.12
CA GLY H 66 52.71 14.66 25.02
C GLY H 66 54.15 14.26 24.81
N ARG H 67 54.40 13.03 24.35
CA ARG H 67 55.75 12.56 24.10
C ARG H 67 56.18 12.75 22.65
N PHE H 68 55.24 12.59 21.71
CA PHE H 68 55.53 12.74 20.29
C PHE H 68 54.93 14.04 19.80
N THR H 69 55.62 14.69 18.87
CA THR H 69 55.10 15.88 18.21
C THR H 69 55.21 15.69 16.70
N ILE H 70 54.11 15.90 16.01
CA ILE H 70 54.06 15.78 14.56
C ILE H 70 54.10 17.18 13.96
N SER H 71 54.78 17.31 12.82
CA SER H 71 54.86 18.59 12.14
C SER H 71 55.19 18.33 10.67
N ARG H 72 55.10 19.38 9.87
CA ARG H 72 55.37 19.26 8.44
C ARG H 72 55.98 20.54 7.92
N ASP H 73 56.70 20.41 6.81
CA ASP H 73 57.25 21.55 6.08
C ASP H 73 56.82 21.37 4.63
N ASN H 74 55.71 22.02 4.25
CA ASN H 74 55.13 21.80 2.93
C ASN H 74 56.09 22.23 1.82
N ALA H 75 56.87 23.29 2.06
CA ALA H 75 57.85 23.71 1.06
C ALA H 75 58.93 22.65 0.85
N LYS H 76 59.28 21.91 1.88
CA LYS H 76 60.26 20.84 1.76
C LYS H 76 59.64 19.48 1.44
N ASN H 77 58.31 19.41 1.29
CA ASN H 77 57.61 18.15 1.06
C ASN H 77 58.00 17.10 2.09
N THR H 78 58.09 17.51 3.35
CA THR H 78 58.58 16.63 4.41
C THR H 78 57.62 16.63 5.59
N LEU H 79 57.39 15.44 6.14
CA LEU H 79 56.67 15.25 7.39
C LEU H 79 57.66 14.83 8.47
N TYR H 80 57.43 15.28 9.70
CA TYR H 80 58.33 14.99 10.81
C TYR H 80 57.56 14.42 11.98
N LEU H 81 58.22 13.52 12.72
CA LEU H 81 57.73 13.06 14.02
C LEU H 81 58.87 13.22 15.02
N GLN H 82 58.69 14.14 15.96
CA GLN H 82 59.65 14.31 17.04
C GLN H 82 59.24 13.43 18.21
N MET H 83 60.07 12.44 18.53
CA MET H 83 59.75 11.44 19.55
C MET H 83 60.60 11.70 20.79
N ASN H 84 59.95 12.02 21.90
CA ASN H 84 60.61 12.22 23.18
C ASN H 84 60.10 11.21 24.18
N SER H 85 60.81 11.09 25.30
CA SER H 85 60.46 10.17 26.39
C SER H 85 60.21 8.76 25.85
N LEU H 86 61.12 8.32 24.98
CA LEU H 86 60.94 7.05 24.29
C LEU H 86 60.89 5.88 25.26
N LYS H 87 60.06 4.90 24.95
CA LYS H 87 59.78 3.76 25.79
C LYS H 87 59.94 2.47 24.99
N PRO H 88 60.30 1.37 25.65
CA PRO H 88 60.45 0.10 24.92
C PRO H 88 59.20 -0.34 24.17
N GLU H 89 58.01 0.13 24.59
CA GLU H 89 56.79 -0.16 23.84
C GLU H 89 56.70 0.63 22.55
N ASP H 90 57.56 1.64 22.37
CA ASP H 90 57.59 2.39 21.11
C ASP H 90 58.39 1.68 20.03
N THR H 91 59.08 0.59 20.38
CA THR H 91 59.79 -0.22 19.40
C THR H 91 58.82 -0.73 18.34
N ALA H 92 59.03 -0.33 17.10
CA ALA H 92 58.14 -0.67 15.99
C ALA H 92 58.75 -0.17 14.70
N VAL H 93 58.11 -0.53 13.59
CA VAL H 93 58.38 0.08 12.29
C VAL H 93 57.38 1.22 12.13
N TYR H 94 57.88 2.42 11.84
CA TYR H 94 57.05 3.60 11.70
C TYR H 94 56.87 3.95 10.24
N TYR H 95 55.62 4.16 9.83
CA TYR H 95 55.27 4.51 8.46
C TYR H 95 54.59 5.87 8.44
N CYS H 96 54.83 6.63 7.38
CA CYS H 96 53.99 7.78 7.08
C CYS H 96 52.99 7.39 6.00
N ALA H 97 51.85 8.09 6.01
CA ALA H 97 50.74 7.76 5.12
C ALA H 97 49.95 9.03 4.87
N ALA H 98 49.28 9.08 3.72
CA ALA H 98 48.63 10.29 3.25
C ALA H 98 47.16 10.03 2.93
N LYS H 99 46.34 11.04 3.19
CA LYS H 99 44.93 11.05 2.79
C LYS H 99 44.63 12.40 2.18
N GLU H 100 44.02 12.41 0.99
CA GLU H 100 43.78 13.64 0.28
C GLU H 100 42.69 14.46 0.95
N GLY H 101 42.80 15.78 0.88
CA GLY H 101 41.70 16.66 1.20
C GLY H 101 41.96 17.66 2.32
N PRO H 102 41.38 18.85 2.17
CA PRO H 102 41.56 19.89 3.21
C PRO H 102 40.87 19.57 4.52
N TYR H 103 39.87 18.69 4.53
CA TYR H 103 39.17 18.33 5.75
C TYR H 103 39.62 17.01 6.32
N SER H 104 40.59 16.34 5.69
CA SER H 104 41.17 15.14 6.24
C SER H 104 42.13 15.48 7.38
N GLY H 105 42.58 14.45 8.09
CA GLY H 105 43.35 14.64 9.30
C GLY H 105 42.46 14.53 10.51
N SER H 106 42.68 13.50 11.33
CA SER H 106 41.73 13.22 12.40
C SER H 106 42.35 12.25 13.40
N TYR H 107 41.60 11.99 14.46
CA TYR H 107 41.92 10.99 15.47
C TYR H 107 41.34 9.65 15.05
N TYR H 108 42.16 8.61 15.17
CA TYR H 108 41.74 7.24 14.84
C TYR H 108 41.55 6.44 16.11
N TYR H 109 40.42 5.72 16.19
CA TYR H 109 40.07 4.96 17.40
C TYR H 109 39.98 3.46 17.15
N MET H 110 40.36 2.99 15.97
CA MET H 110 40.38 1.59 15.63
C MET H 110 41.66 1.29 14.85
N PRO H 111 42.04 0.01 14.78
CA PRO H 111 43.20 -0.34 13.94
C PRO H 111 42.96 0.02 12.49
N VAL H 112 44.02 0.44 11.81
CA VAL H 112 43.92 0.88 10.43
C VAL H 112 44.56 -0.17 9.53
N PHE H 113 44.35 -0.02 8.23
CA PHE H 113 44.94 -0.89 7.22
C PHE H 113 45.53 -0.04 6.11
N ARG H 114 46.49 -0.63 5.39
CA ARG H 114 47.23 0.14 4.40
C ARG H 114 46.31 0.66 3.30
N ASP H 115 45.33 -0.14 2.89
CA ASP H 115 44.45 0.24 1.79
C ASP H 115 43.50 1.38 2.14
N GLU H 116 43.50 1.85 3.38
CA GLU H 116 42.67 2.98 3.75
C GLU H 116 43.32 4.32 3.44
N TYR H 117 44.58 4.32 3.02
CA TYR H 117 45.32 5.53 2.72
C TYR H 117 45.59 5.63 1.22
N ASP H 118 45.70 6.88 0.74
CA ASP H 118 46.01 7.10 -0.66
C ASP H 118 47.45 6.72 -0.97
N TYR H 119 48.38 7.07 -0.10
CA TYR H 119 49.78 6.68 -0.25
C TYR H 119 50.29 6.14 1.07
N TRP H 120 51.18 5.15 0.97
CA TRP H 120 51.73 4.45 2.13
C TRP H 120 53.24 4.40 2.00
N GLY H 121 53.93 4.64 3.12
CA GLY H 121 55.36 4.81 3.11
C GLY H 121 56.13 3.51 3.08
N GLN H 122 57.46 3.64 3.21
CA GLN H 122 58.36 2.50 3.17
C GLN H 122 58.70 1.96 4.55
N GLY H 123 58.65 2.81 5.57
CA GLY H 123 58.91 2.36 6.94
C GLY H 123 60.34 2.58 7.41
N THR H 124 60.49 3.00 8.65
CA THR H 124 61.80 3.13 9.29
C THR H 124 61.74 2.49 10.67
N GLN H 125 62.80 1.77 11.02
CA GLN H 125 62.79 0.95 12.23
C GLN H 125 63.19 1.77 13.44
N VAL H 126 62.43 1.61 14.52
CA VAL H 126 62.74 2.21 15.82
C VAL H 126 62.82 1.09 16.83
N THR H 127 63.97 0.98 17.51
CA THR H 127 64.19 -0.05 18.52
C THR H 127 64.67 0.64 19.79
N VAL H 128 63.91 0.49 20.87
CA VAL H 128 64.25 1.07 22.16
C VAL H 128 64.87 -0.01 23.03
N SER H 129 66.15 0.15 23.37
CA SER H 129 66.87 -0.86 24.12
C SER H 129 66.65 -0.72 25.63
N SER H 130 67.63 -1.18 26.41
CA SER H 130 67.61 -1.01 27.86
C SER H 130 68.81 -0.18 28.29
CL CL I . -23.02 10.52 -0.12
S SO4 J . -29.54 4.82 5.60
O1 SO4 J . -30.78 5.49 5.92
O2 SO4 J . -29.62 4.25 4.26
O3 SO4 J . -28.44 5.79 5.63
O4 SO4 J . -29.28 3.76 6.57
CL CL K . -14.44 -27.82 -7.42
S SO4 L . -30.45 -21.12 3.18
O1 SO4 L . -31.57 -20.51 3.89
O2 SO4 L . -30.82 -22.45 2.74
O3 SO4 L . -30.11 -20.29 2.03
O4 SO4 L . -29.29 -21.21 4.08
S SO4 M . 0.06 -4.58 -1.61
O1 SO4 M . -0.13 -3.15 -1.74
O2 SO4 M . -0.81 -5.29 -2.56
O3 SO4 M . 1.46 -4.90 -1.90
O4 SO4 M . -0.25 -5.00 -0.25
S SO4 N . -33.98 -10.22 6.60
O1 SO4 N . -34.73 -9.01 6.26
O2 SO4 N . -34.60 -11.38 5.97
O3 SO4 N . -32.60 -10.11 6.14
O4 SO4 N . -34.00 -10.39 8.05
S SO4 O . 1.43 -2.46 4.58
O1 SO4 O . 0.01 -2.35 4.24
O2 SO4 O . 2.12 -3.20 3.53
O3 SO4 O . 1.99 -1.12 4.71
O4 SO4 O . 1.57 -3.17 5.85
S SO4 P . -3.75 -5.68 24.38
O1 SO4 P . -4.44 -5.75 25.66
O2 SO4 P . -4.25 -6.73 23.49
O3 SO4 P . -4.00 -4.37 23.76
O4 SO4 P . -2.33 -5.85 24.59
S SO4 Q . 9.56 17.65 20.95
O1 SO4 Q . 8.27 18.30 21.20
O2 SO4 Q . 9.38 16.20 20.92
O3 SO4 Q . 10.09 18.10 19.66
O4 SO4 Q . 10.50 18.01 22.01
S SO4 R . 2.98 1.17 12.23
O1 SO4 R . 1.61 1.56 12.55
O2 SO4 R . 3.01 0.52 10.93
O3 SO4 R . 3.83 2.35 12.21
O4 SO4 R . 3.46 0.23 13.25
CL CL S . -66.18 -17.60 -3.08
CL CL T . -59.87 1.85 1.84
CL CL U . 21.10 17.06 -8.99
S SO4 V . 28.34 7.05 -10.14
O1 SO4 V . 27.04 7.47 -10.67
O2 SO4 V . 28.44 5.61 -10.14
O3 SO4 V . 29.40 7.62 -10.96
O4 SO4 V . 28.47 7.57 -8.78
S SO4 W . 25.42 -1.04 -10.95
O1 SO4 W . 24.18 -0.28 -10.85
O2 SO4 W . 25.50 -1.66 -12.27
O3 SO4 W . 26.56 -0.15 -10.78
O4 SO4 W . 25.45 -2.08 -9.93
S SO4 X . 14.83 28.33 6.32
O1 SO4 X . 14.47 29.62 5.75
O2 SO4 X . 13.63 27.51 6.44
O3 SO4 X . 15.79 27.66 5.44
O4 SO4 X . 15.42 28.52 7.63
CL CL Y . 36.90 -1.59 -1.46
S SO4 Z . 37.24 -5.36 8.87
O1 SO4 Z . 36.70 -4.06 9.21
O2 SO4 Z . 36.22 -6.38 9.06
O3 SO4 Z . 37.67 -5.35 7.46
O4 SO4 Z . 38.39 -5.65 9.72
CL CL AA . 8.45 -15.06 -5.05
CL CL BA . -11.07 -4.13 -25.51
CL CL CA . 16.17 4.69 -22.14
CL CL DA . -1.23 -1.06 -34.01
CL CL EA . 5.73 -4.91 -31.74
S SO4 FA . 6.98 -0.56 -31.49
O1 SO4 FA . 7.74 -0.15 -32.67
O2 SO4 FA . 5.55 -0.49 -31.77
O3 SO4 FA . 7.36 -1.91 -31.11
O4 SO4 FA . 7.30 0.36 -30.41
S SO4 GA . 23.66 -13.44 -15.08
O1 SO4 GA . 24.09 -12.17 -15.66
O2 SO4 GA . 22.41 -13.86 -15.69
O3 SO4 GA . 24.68 -14.46 -15.33
O4 SO4 GA . 23.46 -13.28 -13.64
S SO4 HA . -1.50 -7.81 -8.86
O1 SO4 HA . -1.53 -7.00 -7.65
O2 SO4 HA . -2.53 -7.34 -9.78
O3 SO4 HA . -0.19 -7.71 -9.48
O4 SO4 HA . -1.77 -9.20 -8.51
S SO4 IA . 51.17 20.02 18.82
O1 SO4 IA . 49.91 20.69 19.14
O2 SO4 IA . 50.92 18.93 17.87
O3 SO4 IA . 52.08 20.98 18.22
O4 SO4 IA . 51.76 19.48 20.04
S SO4 JA . 54.68 25.36 5.31
O1 SO4 JA . 53.40 26.02 5.01
O2 SO4 JA . 54.43 23.97 5.67
O3 SO4 JA . 55.53 25.43 4.12
O4 SO4 JA . 55.33 26.05 6.42
S SO4 KA . 68.22 6.19 7.85
O1 SO4 KA . 68.29 4.74 7.91
O2 SO4 KA . 69.46 6.75 8.39
O3 SO4 KA . 68.05 6.62 6.47
O4 SO4 KA . 67.10 6.65 8.65
S SO4 LA . 65.66 20.22 8.54
O1 SO4 LA . 64.60 20.54 9.50
O2 SO4 LA . 65.26 19.06 7.75
O3 SO4 LA . 65.86 21.36 7.65
O4 SO4 LA . 66.90 19.92 9.26
S SO4 MA . 46.08 -3.91 3.00
O1 SO4 MA . 45.34 -2.77 3.54
O2 SO4 MA . 45.16 -5.00 2.72
O3 SO4 MA . 46.76 -3.50 1.77
O4 SO4 MA . 47.07 -4.35 3.99
#